data_1N0X
#
_entry.id   1N0X
#
_cell.length_a   51.621
_cell.length_b   184.358
_cell.length_c   56.173
_cell.angle_alpha   90.00
_cell.angle_beta   103.05
_cell.angle_gamma   90.00
#
_symmetry.space_group_name_H-M   'P 1 21 1'
#
loop_
_entity.id
_entity.type
_entity.pdbx_description
1 polymer 'IMMUNOGLOBULIN LIGHT CHAIN'
2 polymer 'IMMUNOGLOBULIN HEAVY CHAIN'
3 polymer 'B2.1 peptide'
4 non-polymer GLYCEROL
5 non-polymer 'SULFATE ION'
6 non-polymer '3-CYCLOHEXYL-1-PROPYLSULFONIC ACID'
7 non-polymer 'POTASSIUM ION'
8 water water
#
loop_
_entity_poly.entity_id
_entity_poly.type
_entity_poly.pdbx_seq_one_letter_code
_entity_poly.pdbx_strand_id
1 'polypeptide(L)'
;EIVLTQSPGTLSLSPGERATFSCRSSHSIRSRRVAWYQHKPGQAPRLVIHGVSNRASGISDRFSGSGSGTDFTLTITRVE
PEDFALYYCQVYGASSYTFGQGTKLERKRTVAAPSVFIFPPSDEQLKSGTASVVCLLNNFYPREAKVQWKVDNALQSGNS
QESVTEQDSKDSTYSLSSTLTLSKADYEKHKVYACEVTHQGLRSPVTKSFNRGEC
;
L,M
2 'polypeptide(L)'
;QVQLVQSGAEVKKPGASVKVSCQASGYRFSNFVIHWVRQAPGQRFEWMGWINPYNGNKEFSAKFQDRVTFTADTSANTAY
MELRSLRSADTAVYYCARVGPYSWDDSPQDNYYMDVWGKGTTVIVSSASTKGPSVFPLAPSSKSTSGGTAALGCLVKDYF
PEPVTVSWNSGALTSGVHTFPAVLQSSGLYSLSSVVTVPSSSLGTQTYICNVNHKPSNTKVDKKVEPKSC
;
H,K
3 'polypeptide(L)' HERSYMFSDLENRCIAAE(ORN)KK P,R
#
loop_
_chem_comp.id
_chem_comp.type
_chem_comp.name
_chem_comp.formula
CXS non-polymer '3-CYCLOHEXYL-1-PROPYLSULFONIC ACID' 'C9 H19 N O3 S'
GOL non-polymer GLYCEROL 'C3 H8 O3'
K non-polymer 'POTASSIUM ION' 'K 1'
SO4 non-polymer 'SULFATE ION' 'O4 S -2'
#
# COMPACT_ATOMS: atom_id res chain seq x y z
N GLU A 1 -15.96 -7.11 10.38
CA GLU A 1 -16.45 -6.37 9.18
C GLU A 1 -15.50 -5.22 8.84
N ILE A 2 -15.41 -4.88 7.56
CA ILE A 2 -14.57 -3.78 7.13
C ILE A 2 -15.40 -2.51 7.32
N VAL A 3 -14.80 -1.48 7.89
CA VAL A 3 -15.50 -0.22 8.12
C VAL A 3 -14.88 0.91 7.31
N LEU A 4 -15.72 1.59 6.54
CA LEU A 4 -15.25 2.71 5.73
C LEU A 4 -15.75 4.04 6.26
N THR A 5 -14.83 4.98 6.41
CA THR A 5 -15.18 6.31 6.91
C THR A 5 -14.85 7.36 5.87
N GLN A 6 -15.87 8.09 5.41
CA GLN A 6 -15.68 9.12 4.42
C GLN A 6 -15.56 10.51 5.04
N SER A 7 -14.75 11.35 4.40
CA SER A 7 -14.52 12.71 4.87
C SER A 7 -14.35 13.60 3.64
N PRO A 8 -14.92 14.82 3.68
CA PRO A 8 -15.70 15.34 4.81
C PRO A 8 -17.16 14.93 4.67
N GLY A 9 -18.01 15.35 5.61
CA GLY A 9 -19.41 15.02 5.53
C GLY A 9 -20.08 15.74 4.38
N THR A 10 -19.71 17.00 4.20
CA THR A 10 -20.25 17.82 3.13
C THR A 10 -19.12 18.59 2.46
N LEU A 11 -19.23 18.78 1.15
CA LEU A 11 -18.22 19.50 0.40
C LEU A 11 -18.95 20.59 -0.39
N SER A 12 -18.78 21.84 0.03
CA SER A 12 -19.43 22.97 -0.62
C SER A 12 -18.49 23.63 -1.61
N LEU A 13 -18.80 23.51 -2.90
CA LEU A 13 -17.96 24.08 -3.93
C LEU A 13 -18.74 24.76 -5.04
N SER A 14 -18.06 25.65 -5.74
CA SER A 14 -18.66 26.37 -6.87
C SER A 14 -18.12 25.73 -8.14
N PRO A 15 -18.91 25.76 -9.22
CA PRO A 15 -18.48 25.17 -10.49
C PRO A 15 -17.08 25.67 -10.86
N GLY A 16 -16.25 24.74 -11.33
CA GLY A 16 -14.90 25.09 -11.72
C GLY A 16 -13.88 24.66 -10.68
N GLU A 17 -14.29 24.56 -9.42
CA GLU A 17 -13.39 24.16 -8.34
C GLU A 17 -13.04 22.67 -8.35
N ARG A 18 -11.96 22.35 -7.63
CA ARG A 18 -11.48 20.99 -7.52
C ARG A 18 -12.12 20.32 -6.32
N ALA A 19 -12.62 19.10 -6.50
CA ALA A 19 -13.26 18.36 -5.43
C ALA A 19 -12.40 17.16 -5.06
N THR A 20 -12.15 16.98 -3.77
CA THR A 20 -11.35 15.85 -3.31
C THR A 20 -12.12 15.13 -2.19
N PHE A 21 -12.50 13.89 -2.46
CA PHE A 21 -13.22 13.07 -1.48
C PHE A 21 -12.29 12.05 -0.84
N SER A 22 -12.38 11.89 0.47
CA SER A 22 -11.54 10.93 1.17
C SER A 22 -12.35 9.77 1.73
N CYS A 23 -11.73 8.60 1.78
CA CYS A 23 -12.36 7.39 2.28
C CYS A 23 -11.30 6.56 2.99
N ARG A 24 -11.50 6.34 4.29
CA ARG A 24 -10.56 5.56 5.10
C ARG A 24 -11.16 4.21 5.47
N SER A 25 -10.37 3.14 5.28
CA SER A 25 -10.80 1.78 5.57
C SER A 25 -10.19 1.24 6.85
N SER A 26 -10.90 0.37 7.55
CA SER A 26 -10.40 -0.23 8.78
C SER A 26 -9.39 -1.32 8.45
N HIS A 27 -9.56 -1.94 7.29
CA HIS A 27 -8.67 -3.01 6.85
C HIS A 27 -7.91 -2.57 5.60
N SER A 28 -6.71 -3.13 5.43
CA SER A 28 -5.90 -2.84 4.26
C SER A 28 -6.56 -3.54 3.08
N ILE A 29 -6.82 -2.80 2.00
CA ILE A 29 -7.46 -3.39 0.84
C ILE A 29 -6.44 -3.77 -0.24
N ARG A 30 -5.73 -4.87 0.00
CA ARG A 30 -4.69 -5.34 -0.91
C ARG A 30 -5.24 -5.76 -2.27
N SER A 31 -6.50 -6.20 -2.28
CA SER A 31 -7.14 -6.66 -3.50
C SER A 31 -7.46 -5.51 -4.45
N ARG A 32 -7.48 -4.30 -3.91
CA ARG A 32 -7.81 -3.11 -4.68
C ARG A 32 -9.28 -3.08 -5.09
N ARG A 33 -10.10 -3.91 -4.45
CA ARG A 33 -11.53 -3.93 -4.77
C ARG A 33 -12.26 -2.79 -4.04
N VAL A 34 -12.08 -1.58 -4.58
CA VAL A 34 -12.69 -0.36 -4.04
C VAL A 34 -13.40 0.36 -5.18
N ALA A 35 -14.62 0.79 -4.94
CA ALA A 35 -15.40 1.50 -5.96
C ALA A 35 -15.98 2.78 -5.38
N TRP A 36 -16.29 3.72 -6.26
CA TRP A 36 -16.91 4.98 -5.87
C TRP A 36 -18.19 5.13 -6.67
N TYR A 37 -19.24 5.61 -6.02
CA TYR A 37 -20.53 5.79 -6.68
C TYR A 37 -21.07 7.20 -6.51
N GLN A 38 -21.85 7.64 -7.49
CA GLN A 38 -22.47 8.95 -7.49
C GLN A 38 -23.97 8.71 -7.34
N HIS A 39 -24.62 9.46 -6.46
CA HIS A 39 -26.05 9.28 -6.29
C HIS A 39 -26.82 10.59 -6.20
N LYS A 40 -27.68 10.84 -7.17
CA LYS A 40 -28.50 12.05 -7.17
C LYS A 40 -29.87 11.63 -6.64
N PRO A 41 -30.42 12.38 -5.70
CA PRO A 41 -31.74 12.04 -5.14
C PRO A 41 -32.76 11.73 -6.22
N GLY A 42 -33.42 10.59 -6.08
CA GLY A 42 -34.44 10.20 -7.05
C GLY A 42 -33.95 9.48 -8.29
N GLN A 43 -32.64 9.30 -8.42
CA GLN A 43 -32.10 8.61 -9.59
C GLN A 43 -31.26 7.40 -9.17
N ALA A 44 -31.07 6.47 -10.11
CA ALA A 44 -30.30 5.27 -9.84
C ALA A 44 -28.85 5.65 -9.59
N PRO A 45 -28.23 5.04 -8.58
CA PRO A 45 -26.82 5.36 -8.32
C PRO A 45 -26.01 5.02 -9.56
N ARG A 46 -24.87 5.66 -9.73
CA ARG A 46 -24.03 5.41 -10.88
C ARG A 46 -22.59 5.09 -10.48
N LEU A 47 -22.02 4.06 -11.11
CA LEU A 47 -20.64 3.71 -10.80
C LEU A 47 -19.72 4.78 -11.38
N VAL A 48 -18.75 5.23 -10.59
CA VAL A 48 -17.82 6.25 -11.05
C VAL A 48 -16.44 5.63 -11.25
N ILE A 49 -16.01 4.87 -10.25
CA ILE A 49 -14.70 4.22 -10.27
C ILE A 49 -14.79 2.80 -9.73
N HIS A 50 -13.99 1.90 -10.31
CA HIS A 50 -13.93 0.53 -9.80
C HIS A 50 -12.46 0.13 -9.78
N GLY A 51 -12.10 -0.81 -8.91
CA GLY A 51 -10.71 -1.24 -8.83
C GLY A 51 -9.80 -0.12 -8.40
N VAL A 52 -10.33 0.78 -7.57
CA VAL A 52 -9.59 1.93 -7.04
C VAL A 52 -9.33 3.09 -8.03
N SER A 53 -8.86 2.80 -9.24
CA SER A 53 -8.56 3.85 -10.19
C SER A 53 -9.12 3.71 -11.60
N ASN A 54 -9.93 2.70 -11.85
CA ASN A 54 -10.49 2.51 -13.18
C ASN A 54 -11.79 3.28 -13.34
N ARG A 55 -11.82 4.22 -14.27
CA ARG A 55 -13.01 5.01 -14.53
C ARG A 55 -14.07 4.19 -15.26
N ALA A 56 -15.30 4.24 -14.76
CA ALA A 56 -16.39 3.51 -15.38
C ALA A 56 -16.70 4.11 -16.74
N SER A 57 -17.30 3.32 -17.61
CA SER A 57 -17.65 3.78 -18.94
C SER A 57 -18.54 5.02 -18.86
N GLY A 58 -18.27 5.99 -19.73
CA GLY A 58 -19.07 7.20 -19.75
C GLY A 58 -18.64 8.24 -18.75
N ILE A 59 -17.63 7.93 -17.93
CA ILE A 59 -17.15 8.87 -16.94
C ILE A 59 -16.05 9.77 -17.49
N SER A 60 -16.22 11.07 -17.30
CA SER A 60 -15.26 12.06 -17.77
C SER A 60 -13.90 11.89 -17.10
N ASP A 61 -12.86 12.33 -17.79
CA ASP A 61 -11.51 12.24 -17.26
C ASP A 61 -11.32 13.18 -16.07
N ARG A 62 -12.24 14.14 -15.90
CA ARG A 62 -12.11 15.05 -14.78
C ARG A 62 -12.23 14.28 -13.46
N PHE A 63 -12.74 13.05 -13.55
CA PHE A 63 -12.88 12.19 -12.37
C PHE A 63 -11.71 11.22 -12.36
N SER A 64 -11.15 10.99 -11.18
CA SER A 64 -10.03 10.08 -11.07
C SER A 64 -9.96 9.50 -9.66
N GLY A 65 -9.77 8.19 -9.58
CA GLY A 65 -9.69 7.53 -8.29
C GLY A 65 -8.27 7.12 -8.02
N SER A 66 -7.87 7.17 -6.75
CA SER A 66 -6.51 6.81 -6.39
C SER A 66 -6.46 6.30 -4.95
N GLY A 67 -5.25 6.00 -4.48
CA GLY A 67 -5.09 5.52 -3.13
C GLY A 67 -4.55 4.11 -3.05
N SER A 68 -4.40 3.62 -1.84
CA SER A 68 -3.89 2.28 -1.59
C SER A 68 -3.89 2.03 -0.09
N GLY A 69 -3.77 0.76 0.29
CA GLY A 69 -3.75 0.42 1.70
C GLY A 69 -5.02 0.72 2.47
N THR A 70 -5.01 1.83 3.20
CA THR A 70 -6.15 2.24 4.01
C THR A 70 -6.76 3.59 3.59
N ASP A 71 -6.07 4.30 2.70
CA ASP A 71 -6.56 5.61 2.27
C ASP A 71 -6.84 5.67 0.77
N PHE A 72 -8.10 5.96 0.43
CA PHE A 72 -8.51 6.05 -0.97
C PHE A 72 -9.12 7.42 -1.24
N THR A 73 -8.97 7.90 -2.47
CA THR A 73 -9.47 9.22 -2.84
C THR A 73 -10.15 9.33 -4.20
N LEU A 74 -11.18 10.16 -4.26
CA LEU A 74 -11.90 10.43 -5.51
C LEU A 74 -11.67 11.91 -5.76
N THR A 75 -11.24 12.26 -6.96
CA THR A 75 -10.96 13.65 -7.30
C THR A 75 -11.66 14.10 -8.57
N ILE A 76 -12.22 15.32 -8.54
CA ILE A 76 -12.87 15.91 -9.70
C ILE A 76 -12.05 17.17 -9.95
N THR A 77 -11.32 17.20 -11.07
CA THR A 77 -10.48 18.35 -11.38
C THR A 77 -11.26 19.66 -11.45
N ARG A 78 -12.33 19.67 -12.24
CA ARG A 78 -13.17 20.86 -12.38
C ARG A 78 -14.62 20.48 -12.19
N VAL A 79 -15.21 20.90 -11.08
CA VAL A 79 -16.59 20.61 -10.78
C VAL A 79 -17.56 21.24 -11.79
N GLU A 80 -18.45 20.41 -12.32
CA GLU A 80 -19.47 20.86 -13.27
C GLU A 80 -20.80 20.80 -12.54
N PRO A 81 -21.77 21.64 -12.92
CA PRO A 81 -23.07 21.60 -12.22
C PRO A 81 -23.71 20.22 -12.16
N GLU A 82 -23.45 19.40 -13.17
CA GLU A 82 -24.01 18.05 -13.24
C GLU A 82 -23.40 17.11 -12.20
N ASP A 83 -22.31 17.55 -11.57
CA ASP A 83 -21.60 16.72 -10.59
C ASP A 83 -22.11 16.82 -9.16
N PHE A 84 -22.92 17.83 -8.86
CA PHE A 84 -23.44 17.98 -7.47
C PHE A 84 -24.29 16.79 -7.14
N ALA A 85 -23.94 16.27 -6.11
CA ALA A 85 -24.58 15.06 -5.64
C ALA A 85 -24.20 14.69 -4.23
N LEU A 86 -24.30 13.09 -4.22
CA LEU A 86 -23.80 12.25 -3.12
C LEU A 86 -22.78 11.29 -3.71
N TYR A 87 -21.66 11.12 -3.00
CA TYR A 87 -20.61 10.22 -3.44
C TYR A 87 -20.30 9.23 -2.33
N TYR A 88 -20.24 7.95 -2.71
CA TYR A 88 -19.99 6.86 -1.77
C TYR A 88 -18.84 5.96 -2.20
N CYS A 89 -18.07 5.46 -1.23
CA CYS A 89 -16.99 4.53 -1.53
C CYS A 89 -17.48 3.19 -0.99
N GLN A 90 -16.96 2.11 -1.56
CA GLN A 90 -17.37 0.78 -1.15
C GLN A 90 -16.28 -0.24 -1.43
N VAL A 91 -16.24 -1.28 -0.60
CA VAL A 91 -15.32 -2.38 -0.86
C VAL A 91 -16.25 -3.49 -1.30
N TYR A 92 -15.80 -4.34 -2.21
CA TYR A 92 -16.63 -5.41 -2.70
C TYR A 92 -15.83 -6.69 -2.92
N GLY A 93 -16.55 -7.80 -3.16
CA GLY A 93 -15.90 -9.08 -3.39
C GLY A 93 -15.54 -9.81 -2.11
N ALA A 94 -15.35 -11.11 -2.21
CA ALA A 94 -14.97 -11.94 -1.07
C ALA A 94 -15.78 -11.72 0.21
N SER A 95 -17.10 -11.70 0.08
CA SER A 95 -17.98 -11.53 1.23
C SER A 95 -17.87 -10.23 2.02
N SER A 96 -17.32 -9.17 1.41
CA SER A 96 -17.20 -7.86 2.08
C SER A 96 -17.74 -6.81 1.13
N TYR A 97 -18.92 -6.27 1.43
CA TYR A 97 -19.56 -5.26 0.59
C TYR A 97 -20.03 -4.00 1.30
N THR A 98 -19.25 -3.54 2.27
CA THR A 98 -19.61 -2.35 3.06
C THR A 98 -19.40 -1.03 2.31
N PHE A 99 -20.27 -0.06 2.59
CA PHE A 99 -20.18 1.26 1.97
C PHE A 99 -19.80 2.32 3.01
N GLY A 100 -19.27 3.45 2.54
CA GLY A 100 -18.94 4.54 3.44
C GLY A 100 -20.26 5.26 3.68
N GLN A 101 -20.29 6.24 4.59
CA GLN A 101 -21.56 6.93 4.88
C GLN A 101 -21.89 7.99 3.83
N GLY A 102 -20.94 8.24 2.94
CA GLY A 102 -21.15 9.20 1.87
C GLY A 102 -20.72 10.63 2.15
N THR A 103 -20.43 11.35 1.08
CA THR A 103 -20.04 12.75 1.16
C THR A 103 -20.93 13.51 0.19
N LYS A 104 -21.56 14.57 0.67
CA LYS A 104 -22.44 15.36 -0.17
C LYS A 104 -21.66 16.48 -0.86
N LEU A 105 -21.69 16.48 -2.19
CA LEU A 105 -21.04 17.55 -2.94
C LEU A 105 -22.15 18.56 -3.17
N GLU A 106 -22.11 19.63 -2.40
CA GLU A 106 -23.11 20.70 -2.45
C GLU A 106 -22.59 21.96 -3.15
N ARG A 107 -23.48 22.64 -3.87
CA ARG A 107 -23.08 23.86 -4.57
C ARG A 107 -23.03 25.07 -3.67
N LYS A 108 -21.88 25.71 -3.60
CA LYS A 108 -21.72 26.89 -2.77
C LYS A 108 -22.20 28.13 -3.51
N ARG A 109 -22.84 29.02 -2.77
CA ARG A 109 -23.34 30.27 -3.31
C ARG A 109 -23.17 31.29 -2.20
N THR A 110 -23.49 32.54 -2.49
CA THR A 110 -23.38 33.61 -1.50
C THR A 110 -24.37 33.34 -0.37
N VAL A 111 -23.99 33.72 0.86
CA VAL A 111 -24.88 33.52 1.99
C VAL A 111 -26.18 34.27 1.75
N ALA A 112 -27.30 33.68 2.15
CA ALA A 112 -28.60 34.29 2.00
C ALA A 112 -29.40 34.02 3.27
N ALA A 113 -29.88 35.09 3.89
CA ALA A 113 -30.66 34.97 5.12
C ALA A 113 -32.04 34.44 4.78
N PRO A 114 -32.64 33.70 5.71
CA PRO A 114 -33.97 33.16 5.43
C PRO A 114 -35.06 34.21 5.62
N SER A 115 -36.13 34.09 4.83
CA SER A 115 -37.27 34.97 4.99
C SER A 115 -38.09 34.12 5.97
N VAL A 116 -38.46 34.67 7.11
CA VAL A 116 -39.21 33.89 8.11
C VAL A 116 -40.69 34.25 8.20
N PHE A 117 -41.54 33.22 8.31
CA PHE A 117 -42.99 33.39 8.42
C PHE A 117 -43.58 32.46 9.46
N ILE A 118 -44.52 32.95 10.25
CA ILE A 118 -45.16 32.10 11.25
C ILE A 118 -46.65 32.01 10.96
N PHE A 119 -47.20 30.81 11.13
CA PHE A 119 -48.62 30.56 10.87
C PHE A 119 -49.32 30.00 12.09
N PRO A 120 -50.48 30.59 12.45
CA PRO A 120 -51.21 30.07 13.62
C PRO A 120 -52.02 28.87 13.16
N PRO A 121 -52.54 28.09 14.11
CA PRO A 121 -53.35 26.93 13.69
C PRO A 121 -54.67 27.45 13.15
N SER A 122 -55.28 26.70 12.24
CA SER A 122 -56.54 27.11 11.66
C SER A 122 -57.66 26.78 12.66
N ASP A 123 -58.77 27.51 12.58
CA ASP A 123 -59.88 27.23 13.49
C ASP A 123 -60.42 25.86 13.14
N GLU A 124 -60.31 25.51 11.86
CA GLU A 124 -60.77 24.23 11.37
C GLU A 124 -60.05 23.11 12.12
N GLN A 125 -58.74 23.24 12.27
CA GLN A 125 -57.96 22.23 12.98
C GLN A 125 -58.29 22.24 14.48
N LEU A 126 -58.35 23.43 15.07
CA LEU A 126 -58.65 23.56 16.48
C LEU A 126 -59.93 22.84 16.88
N LYS A 127 -60.84 22.69 15.93
CA LYS A 127 -62.12 22.03 16.19
C LYS A 127 -62.00 20.53 16.40
N SER A 128 -60.81 19.97 16.18
CA SER A 128 -60.64 18.53 16.35
C SER A 128 -59.77 18.10 17.53
N GLY A 129 -59.21 19.08 18.25
CA GLY A 129 -58.41 18.73 19.41
C GLY A 129 -56.94 19.09 19.43
N THR A 130 -56.32 19.24 18.26
CA THR A 130 -54.92 19.58 18.20
C THR A 130 -54.65 20.90 17.49
N ALA A 131 -53.51 21.50 17.80
CA ALA A 131 -53.10 22.76 17.20
C ALA A 131 -51.67 22.67 16.65
N SER A 132 -51.53 22.98 15.36
CA SER A 132 -50.22 22.94 14.73
C SER A 132 -49.77 24.38 14.45
N VAL A 133 -48.61 24.75 14.97
CA VAL A 133 -48.09 26.08 14.73
C VAL A 133 -46.92 25.87 13.79
N VAL A 134 -46.95 26.55 12.64
CA VAL A 134 -45.90 26.38 11.64
C VAL A 134 -45.00 27.58 11.41
N CYS A 135 -43.70 27.30 11.28
CA CYS A 135 -42.72 28.34 11.03
C CYS A 135 -42.02 28.01 9.72
N LEU A 136 -41.90 29.01 8.86
CA LEU A 136 -41.26 28.83 7.56
C LEU A 136 -39.98 29.66 7.40
N LEU A 137 -38.91 29.00 6.97
CA LEU A 137 -37.62 29.65 6.71
C LEU A 137 -37.46 29.49 5.21
N ASN A 138 -37.55 30.59 4.49
CA ASN A 138 -37.50 30.57 3.04
C ASN A 138 -36.17 30.96 2.39
N ASN A 139 -35.81 30.19 1.37
CA ASN A 139 -34.61 30.40 0.57
C ASN A 139 -33.37 30.93 1.28
N PHE A 140 -32.69 30.07 2.02
CA PHE A 140 -31.50 30.49 2.73
C PHE A 140 -30.27 29.64 2.37
N TYR A 141 -29.11 30.13 2.75
CA TYR A 141 -27.86 29.44 2.51
C TYR A 141 -26.81 30.05 3.44
N PRO A 142 -25.98 29.22 4.08
CA PRO A 142 -25.97 27.76 4.00
C PRO A 142 -27.14 27.04 4.70
N ARG A 143 -27.12 25.72 4.62
CA ARG A 143 -28.16 24.88 5.20
C ARG A 143 -28.33 24.98 6.71
N GLU A 144 -27.23 25.18 7.43
CA GLU A 144 -27.29 25.28 8.89
C GLU A 144 -28.23 26.39 9.36
N ALA A 145 -29.23 26.02 10.13
CA ALA A 145 -30.19 26.99 10.67
C ALA A 145 -30.79 26.41 11.93
N LYS A 146 -31.13 27.29 12.87
CA LYS A 146 -31.71 26.86 14.12
C LYS A 146 -33.04 27.56 14.37
N VAL A 147 -34.05 26.78 14.71
CA VAL A 147 -35.37 27.33 15.01
C VAL A 147 -35.67 27.05 16.47
N GLN A 148 -36.09 28.09 17.18
CA GLN A 148 -36.42 27.93 18.58
C GLN A 148 -37.85 28.41 18.77
N TRP A 149 -38.69 27.54 19.32
CA TRP A 149 -40.08 27.90 19.57
C TRP A 149 -40.27 28.37 21.00
N LYS A 150 -41.07 29.42 21.17
CA LYS A 150 -41.37 29.95 22.50
C LYS A 150 -42.86 30.22 22.61
N VAL A 151 -43.44 29.84 23.75
CA VAL A 151 -44.86 30.08 24.00
C VAL A 151 -44.85 30.86 25.31
N ASP A 152 -45.32 32.11 25.26
CA ASP A 152 -45.32 33.00 26.41
C ASP A 152 -43.94 33.01 27.06
N ASN A 153 -42.93 33.08 26.19
CA ASN A 153 -41.51 33.12 26.57
C ASN A 153 -40.91 31.81 27.07
N ALA A 154 -41.72 30.76 27.11
CA ALA A 154 -41.23 29.46 27.54
C ALA A 154 -40.66 28.71 26.33
N LEU A 155 -39.38 28.36 26.41
CA LEU A 155 -38.72 27.63 25.33
C LEU A 155 -39.31 26.23 25.20
N GLN A 156 -39.75 25.89 24.00
CA GLN A 156 -40.34 24.57 23.75
C GLN A 156 -39.25 23.58 23.36
N SER A 157 -39.28 22.40 23.95
CA SER A 157 -38.29 21.40 23.63
C SER A 157 -38.90 20.01 23.60
N GLY A 158 -38.81 19.35 22.45
CA GLY A 158 -39.35 18.01 22.33
C GLY A 158 -40.69 17.88 21.63
N ASN A 159 -41.35 19.00 21.34
CA ASN A 159 -42.66 18.92 20.70
C ASN A 159 -42.76 19.56 19.33
N SER A 160 -41.69 19.50 18.57
CA SER A 160 -41.72 20.07 17.22
C SER A 160 -40.97 19.15 16.27
N GLN A 161 -41.25 19.27 14.98
CA GLN A 161 -40.58 18.48 13.96
C GLN A 161 -40.31 19.42 12.80
N GLU A 162 -39.21 19.22 12.10
CA GLU A 162 -38.91 20.08 10.96
C GLU A 162 -38.47 19.24 9.79
N SER A 163 -38.59 19.81 8.60
CA SER A 163 -38.22 19.16 7.36
C SER A 163 -37.51 20.19 6.50
N VAL A 164 -36.53 19.76 5.71
CA VAL A 164 -35.80 20.70 4.87
C VAL A 164 -35.80 20.22 3.42
N THR A 165 -35.99 21.16 2.50
CA THR A 165 -36.01 20.81 1.07
C THR A 165 -34.59 20.52 0.60
N GLU A 166 -34.48 19.84 -0.54
CA GLU A 166 -33.16 19.57 -1.10
C GLU A 166 -32.71 20.91 -1.65
N GLN A 167 -31.41 21.07 -1.85
CA GLN A 167 -30.89 22.32 -2.38
C GLN A 167 -31.55 22.60 -3.73
N ASP A 168 -32.06 23.82 -3.89
CA ASP A 168 -32.73 24.21 -5.12
C ASP A 168 -31.73 24.17 -6.27
N SER A 169 -32.09 23.47 -7.35
CA SER A 169 -31.22 23.35 -8.51
C SER A 169 -31.04 24.64 -9.28
N LYS A 170 -31.92 25.62 -9.03
CA LYS A 170 -31.85 26.89 -9.73
C LYS A 170 -31.14 28.01 -8.96
N ASP A 171 -31.40 28.14 -7.67
CA ASP A 171 -30.75 29.19 -6.90
C ASP A 171 -29.89 28.70 -5.74
N SER A 172 -29.73 27.39 -5.65
CA SER A 172 -28.88 26.76 -4.63
C SER A 172 -29.23 27.08 -3.17
N THR A 173 -30.48 27.42 -2.91
CA THR A 173 -30.88 27.72 -1.53
C THR A 173 -31.66 26.56 -0.94
N TYR A 174 -31.89 26.64 0.37
CA TYR A 174 -32.65 25.66 1.12
C TYR A 174 -33.84 26.36 1.74
N SER A 175 -34.85 25.58 2.12
CA SER A 175 -36.03 26.11 2.80
C SER A 175 -36.33 25.11 3.91
N LEU A 176 -36.91 25.58 5.00
CA LEU A 176 -37.20 24.69 6.11
C LEU A 176 -38.56 24.97 6.70
N SER A 177 -39.22 23.92 7.18
CA SER A 177 -40.53 24.08 7.81
C SER A 177 -40.49 23.38 9.15
N SER A 178 -40.93 24.08 10.19
CA SER A 178 -40.95 23.51 11.54
C SER A 178 -42.38 23.56 12.05
N THR A 179 -42.86 22.46 12.62
CA THR A 179 -44.21 22.42 13.14
C THR A 179 -44.21 22.15 14.63
N LEU A 180 -44.81 23.06 15.39
CA LEU A 180 -44.92 22.92 16.83
C LEU A 180 -46.30 22.33 17.08
N THR A 181 -46.36 21.24 17.83
CA THR A 181 -47.62 20.59 18.09
C THR A 181 -48.09 20.74 19.53
N LEU A 182 -49.34 21.17 19.69
CA LEU A 182 -49.95 21.37 21.01
C LEU A 182 -51.39 20.88 21.01
N SER A 183 -51.91 20.59 22.19
CA SER A 183 -53.30 20.16 22.29
C SER A 183 -54.09 21.45 22.17
N LYS A 184 -55.37 21.35 21.81
CA LYS A 184 -56.21 22.54 21.69
C LYS A 184 -56.27 23.24 23.04
N ALA A 185 -56.41 22.46 24.11
CA ALA A 185 -56.49 23.02 25.45
C ALA A 185 -55.28 23.88 25.81
N ASP A 186 -54.08 23.38 25.57
CA ASP A 186 -52.88 24.16 25.87
C ASP A 186 -52.73 25.41 25.02
N TYR A 187 -53.04 25.30 23.74
CA TYR A 187 -52.93 26.43 22.83
C TYR A 187 -53.77 27.62 23.32
N GLU A 188 -55.01 27.35 23.71
CA GLU A 188 -55.92 28.39 24.19
C GLU A 188 -55.50 28.97 25.53
N LYS A 189 -54.57 28.30 26.21
CA LYS A 189 -54.09 28.75 27.52
C LYS A 189 -52.96 29.75 27.43
N HIS A 190 -52.42 29.97 26.24
CA HIS A 190 -51.31 30.90 26.08
C HIS A 190 -51.55 31.98 25.03
N LYS A 191 -50.80 33.07 25.15
CA LYS A 191 -50.96 34.22 24.29
C LYS A 191 -49.93 34.42 23.17
N VAL A 192 -48.66 34.52 23.55
CA VAL A 192 -47.61 34.77 22.57
C VAL A 192 -46.90 33.54 22.03
N TYR A 193 -46.99 33.37 20.71
CA TYR A 193 -46.37 32.25 20.00
C TYR A 193 -45.26 32.82 19.13
N ALA A 194 -44.04 32.40 19.38
CA ALA A 194 -42.91 32.93 18.62
C ALA A 194 -41.99 31.87 18.05
N CYS A 195 -41.35 32.23 16.95
CA CYS A 195 -40.40 31.37 16.26
C CYS A 195 -39.12 32.20 16.12
N GLU A 196 -38.07 31.81 16.82
CA GLU A 196 -36.81 32.53 16.74
C GLU A 196 -35.86 31.75 15.85
N VAL A 197 -35.31 32.41 14.84
CA VAL A 197 -34.40 31.77 13.92
C VAL A 197 -32.97 32.29 13.97
N THR A 198 -32.02 31.38 14.02
CA THR A 198 -30.60 31.72 14.05
C THR A 198 -29.99 31.21 12.75
N HIS A 199 -29.28 32.08 12.04
CA HIS A 199 -28.64 31.71 10.79
C HIS A 199 -27.45 32.64 10.53
N GLN A 200 -26.44 32.11 9.84
CA GLN A 200 -25.23 32.88 9.54
C GLN A 200 -25.54 34.17 8.77
N GLY A 201 -26.67 34.19 8.08
CA GLY A 201 -27.04 35.37 7.31
C GLY A 201 -27.74 36.43 8.13
N LEU A 202 -27.89 36.17 9.43
CA LEU A 202 -28.54 37.10 10.36
C LEU A 202 -27.57 37.43 11.49
N ARG A 203 -27.11 38.68 11.56
CA ARG A 203 -26.17 39.08 12.60
C ARG A 203 -26.82 39.09 13.99
N SER A 204 -28.12 38.81 14.02
CA SER A 204 -28.88 38.75 15.26
C SER A 204 -30.10 37.89 15.01
N PRO A 205 -30.39 36.94 15.94
CA PRO A 205 -31.55 36.05 15.79
C PRO A 205 -32.83 36.81 15.44
N VAL A 206 -33.55 36.29 14.45
CA VAL A 206 -34.80 36.90 14.00
C VAL A 206 -35.99 36.23 14.65
N THR A 207 -36.88 37.02 15.24
CA THR A 207 -38.06 36.47 15.88
C THR A 207 -39.33 36.91 15.18
N LYS A 208 -40.20 35.94 14.92
CA LYS A 208 -41.50 36.20 14.29
C LYS A 208 -42.51 35.62 15.27
N SER A 209 -43.62 36.32 15.47
CA SER A 209 -44.61 35.83 16.40
C SER A 209 -45.99 36.41 16.18
N PHE A 210 -46.96 35.86 16.90
CA PHE A 210 -48.33 36.31 16.83
C PHE A 210 -48.99 36.12 18.19
N ASN A 211 -50.00 36.93 18.46
CA ASN A 211 -50.75 36.83 19.72
C ASN A 211 -52.02 36.06 19.39
N ARG A 212 -52.28 34.97 20.10
CA ARG A 212 -53.47 34.18 19.85
C ARG A 212 -54.67 35.11 19.92
N GLY A 213 -55.72 34.80 19.16
CA GLY A 213 -56.90 35.63 19.18
C GLY A 213 -56.71 36.88 18.34
N GLU A 214 -56.41 38.00 18.99
CA GLU A 214 -56.21 39.26 18.27
C GLU A 214 -55.05 39.17 17.28
N CYS A 215 -55.37 38.78 16.05
CA CYS A 215 -54.38 38.65 14.99
C CYS A 215 -53.17 37.85 15.46
N GLN B 1 -29.01 -0.08 -24.26
CA GLN B 1 -27.89 -0.29 -23.30
C GLN B 1 -28.35 -1.18 -22.15
N VAL B 2 -27.49 -1.37 -21.16
CA VAL B 2 -27.84 -2.20 -20.00
C VAL B 2 -28.87 -1.48 -19.14
N GLN B 3 -30.01 -2.13 -18.91
CA GLN B 3 -31.08 -1.56 -18.10
C GLN B 3 -31.66 -2.56 -17.09
N LEU B 4 -32.09 -2.04 -15.94
CA LEU B 4 -32.69 -2.85 -14.89
C LEU B 4 -33.95 -2.11 -14.46
N VAL B 5 -35.12 -2.69 -14.70
CA VAL B 5 -36.38 -2.06 -14.32
C VAL B 5 -36.98 -2.78 -13.13
N GLN B 6 -37.24 -2.05 -12.06
CA GLN B 6 -37.78 -2.66 -10.85
C GLN B 6 -39.27 -2.43 -10.69
N SER B 7 -39.90 -3.28 -9.87
CA SER B 7 -41.32 -3.19 -9.62
C SER B 7 -41.65 -1.97 -8.76
N GLY B 8 -42.93 -1.63 -8.68
CA GLY B 8 -43.36 -0.46 -7.93
C GLY B 8 -43.35 -0.50 -6.41
N ALA B 9 -43.51 0.67 -5.80
CA ALA B 9 -43.51 0.83 -4.35
C ALA B 9 -44.44 -0.14 -3.65
N GLU B 10 -44.07 -0.51 -2.42
CA GLU B 10 -44.88 -1.44 -1.64
C GLU B 10 -45.10 -0.92 -0.23
N VAL B 11 -46.19 -1.34 0.39
CA VAL B 11 -46.51 -0.95 1.76
C VAL B 11 -46.93 -2.25 2.43
N LYS B 12 -46.29 -2.59 3.54
CA LYS B 12 -46.58 -3.83 4.24
C LYS B 12 -46.69 -3.66 5.74
N LYS B 13 -47.36 -4.60 6.38
CA LYS B 13 -47.51 -4.56 7.83
C LYS B 13 -46.38 -5.43 8.38
N PRO B 14 -45.93 -5.15 9.62
CA PRO B 14 -44.84 -5.96 10.20
C PRO B 14 -45.24 -7.44 10.23
N GLY B 15 -44.27 -8.32 9.99
CA GLY B 15 -44.56 -9.74 10.00
C GLY B 15 -44.86 -10.29 8.61
N ALA B 16 -45.26 -9.42 7.69
CA ALA B 16 -45.58 -9.85 6.33
C ALA B 16 -44.31 -10.02 5.50
N SER B 17 -44.48 -10.31 4.22
CA SER B 17 -43.33 -10.46 3.33
C SER B 17 -43.54 -9.59 2.09
N VAL B 18 -42.46 -9.29 1.38
CA VAL B 18 -42.52 -8.47 0.18
C VAL B 18 -41.63 -9.07 -0.89
N LYS B 19 -42.07 -9.02 -2.13
CA LYS B 19 -41.29 -9.54 -3.24
C LYS B 19 -41.09 -8.45 -4.28
N VAL B 20 -39.82 -8.12 -4.54
CA VAL B 20 -39.46 -7.09 -5.50
C VAL B 20 -38.87 -7.75 -6.73
N SER B 21 -39.20 -7.23 -7.91
CA SER B 21 -38.69 -7.79 -9.15
C SER B 21 -37.71 -6.82 -9.81
N CYS B 22 -36.82 -7.37 -10.61
CA CYS B 22 -35.81 -6.59 -11.30
C CYS B 22 -35.68 -7.22 -12.68
N GLN B 23 -36.16 -6.52 -13.70
CA GLN B 23 -36.10 -7.02 -15.07
C GLN B 23 -34.97 -6.37 -15.85
N ALA B 24 -34.10 -7.21 -16.41
CA ALA B 24 -32.95 -6.74 -17.15
C ALA B 24 -33.13 -6.81 -18.66
N SER B 25 -32.42 -5.91 -19.36
CA SER B 25 -32.45 -5.86 -20.81
C SER B 25 -31.13 -5.25 -21.27
N GLY B 26 -30.80 -5.44 -22.55
CA GLY B 26 -29.59 -4.85 -23.07
C GLY B 26 -28.33 -5.68 -22.93
N TYR B 27 -28.44 -6.88 -22.39
CA TYR B 27 -27.27 -7.75 -22.23
C TYR B 27 -27.73 -9.18 -21.99
N ARG B 28 -26.78 -10.12 -21.98
CA ARG B 28 -27.09 -11.53 -21.75
C ARG B 28 -27.35 -11.77 -20.26
N PHE B 29 -28.63 -11.75 -19.88
CA PHE B 29 -29.06 -11.93 -18.50
C PHE B 29 -28.39 -13.08 -17.73
N SER B 30 -28.19 -14.22 -18.38
CA SER B 30 -27.59 -15.37 -17.72
C SER B 30 -26.08 -15.29 -17.51
N ASN B 31 -25.43 -14.27 -18.07
CA ASN B 31 -23.99 -14.13 -17.94
C ASN B 31 -23.50 -13.22 -16.80
N PHE B 32 -24.43 -12.61 -16.06
CA PHE B 32 -24.02 -11.69 -14.99
C PHE B 32 -24.71 -11.89 -13.65
N VAL B 33 -23.94 -11.85 -12.58
CA VAL B 33 -24.51 -11.98 -11.24
C VAL B 33 -25.27 -10.68 -10.94
N ILE B 34 -26.27 -10.78 -10.06
CA ILE B 34 -27.08 -9.63 -9.67
C ILE B 34 -27.05 -9.46 -8.16
N HIS B 35 -26.69 -8.25 -7.73
CA HIS B 35 -26.64 -7.90 -6.31
C HIS B 35 -27.94 -7.22 -5.88
N TRP B 36 -28.26 -7.35 -4.60
CA TRP B 36 -29.41 -6.68 -4.02
C TRP B 36 -28.85 -5.87 -2.86
N VAL B 37 -29.18 -4.57 -2.84
CA VAL B 37 -28.68 -3.65 -1.84
C VAL B 37 -29.82 -2.72 -1.42
N ARG B 38 -29.86 -2.34 -0.16
CA ARG B 38 -30.94 -1.45 0.25
C ARG B 38 -30.38 -0.24 0.98
N GLN B 39 -31.22 0.79 1.13
CA GLN B 39 -30.81 1.96 1.88
C GLN B 39 -32.01 2.51 2.61
N ALA B 40 -31.95 2.41 3.93
CA ALA B 40 -33.00 2.91 4.81
C ALA B 40 -32.73 4.39 5.04
N PRO B 41 -33.79 5.17 5.30
CA PRO B 41 -33.64 6.61 5.53
C PRO B 41 -32.61 6.91 6.62
N GLY B 42 -31.62 7.74 6.27
CA GLY B 42 -30.59 8.11 7.22
C GLY B 42 -29.52 7.05 7.45
N GLN B 43 -29.67 5.90 6.82
CA GLN B 43 -28.69 4.82 6.99
C GLN B 43 -27.81 4.62 5.76
N ARG B 44 -26.72 3.86 5.93
CA ARG B 44 -25.80 3.58 4.85
C ARG B 44 -26.36 2.51 3.94
N PHE B 45 -25.91 2.50 2.68
CA PHE B 45 -26.35 1.46 1.75
C PHE B 45 -25.97 0.16 2.46
N GLU B 46 -26.82 -0.85 2.31
CA GLU B 46 -26.61 -2.14 2.97
C GLU B 46 -26.76 -3.31 1.99
N TRP B 47 -25.65 -3.99 1.71
CA TRP B 47 -25.66 -5.13 0.80
C TRP B 47 -26.45 -6.31 1.40
N MET B 48 -27.32 -6.93 0.61
CA MET B 48 -28.12 -8.04 1.08
C MET B 48 -27.67 -9.40 0.58
N GLY B 49 -27.09 -9.43 -0.63
CA GLY B 49 -26.63 -10.69 -1.19
C GLY B 49 -26.66 -10.66 -2.71
N TRP B 50 -26.26 -11.75 -3.35
CA TRP B 50 -26.30 -11.80 -4.80
C TRP B 50 -26.80 -13.15 -5.28
N ILE B 51 -27.22 -13.18 -6.55
CA ILE B 51 -27.68 -14.41 -7.14
C ILE B 51 -27.13 -14.53 -8.55
N ASN B 52 -26.78 -15.76 -8.93
CA ASN B 52 -26.28 -16.04 -10.26
C ASN B 52 -27.52 -16.57 -10.97
N PRO B 53 -28.12 -15.76 -11.86
CA PRO B 53 -29.32 -16.18 -12.59
C PRO B 53 -29.19 -17.46 -13.41
N TYR B 54 -27.98 -17.77 -13.83
CA TYR B 54 -27.76 -18.97 -14.63
C TYR B 54 -28.03 -20.27 -13.90
N ASN B 55 -27.45 -20.41 -12.70
CA ASN B 55 -27.60 -21.62 -11.91
C ASN B 55 -28.31 -21.45 -10.57
N GLY B 56 -28.75 -20.24 -10.26
CA GLY B 56 -29.44 -20.02 -9.01
C GLY B 56 -28.54 -19.98 -7.80
N ASN B 57 -27.23 -20.08 -8.00
CA ASN B 57 -26.28 -20.01 -6.89
C ASN B 57 -26.38 -18.61 -6.26
N LYS B 58 -26.03 -18.50 -4.99
CA LYS B 58 -26.10 -17.22 -4.33
C LYS B 58 -25.30 -17.11 -3.06
N GLU B 59 -25.18 -15.87 -2.57
CA GLU B 59 -24.48 -15.57 -1.34
C GLU B 59 -25.33 -14.56 -0.61
N PHE B 60 -25.40 -14.70 0.71
CA PHE B 60 -26.20 -13.79 1.52
C PHE B 60 -25.38 -13.10 2.59
N SER B 61 -25.82 -11.90 2.94
CA SER B 61 -25.20 -11.15 4.02
C SER B 61 -25.70 -11.89 5.26
N ALA B 62 -24.89 -11.96 6.29
CA ALA B 62 -25.29 -12.66 7.52
C ALA B 62 -26.56 -12.03 8.10
N LYS B 63 -26.73 -10.74 7.89
CA LYS B 63 -27.88 -10.02 8.41
C LYS B 63 -29.23 -10.42 7.82
N PHE B 64 -29.25 -10.89 6.58
CA PHE B 64 -30.51 -11.26 5.93
C PHE B 64 -30.63 -12.72 5.50
N GLN B 65 -29.55 -13.49 5.63
CA GLN B 65 -29.57 -14.88 5.21
C GLN B 65 -30.74 -15.71 5.70
N ASP B 66 -31.23 -15.42 6.91
CA ASP B 66 -32.34 -16.19 7.47
C ASP B 66 -33.73 -15.81 6.98
N ARG B 67 -33.89 -14.63 6.37
CA ARG B 67 -35.22 -14.25 5.92
C ARG B 67 -35.32 -13.61 4.53
N VAL B 68 -34.31 -13.81 3.71
CA VAL B 68 -34.39 -13.25 2.35
C VAL B 68 -34.27 -14.42 1.38
N THR B 69 -35.00 -14.33 0.27
CA THR B 69 -34.99 -15.37 -0.75
C THR B 69 -34.71 -14.75 -2.11
N PHE B 70 -33.72 -15.30 -2.80
CA PHE B 70 -33.35 -14.80 -4.13
C PHE B 70 -33.74 -15.85 -5.18
N THR B 71 -34.42 -15.40 -6.23
CA THR B 71 -34.81 -16.30 -7.31
C THR B 71 -34.64 -15.58 -8.65
N ALA B 72 -34.64 -16.34 -9.73
CA ALA B 72 -34.51 -15.75 -11.04
C ALA B 72 -35.30 -16.55 -12.08
N ASP B 73 -35.82 -15.82 -13.07
CA ASP B 73 -36.60 -16.42 -14.14
C ASP B 73 -35.89 -16.03 -15.44
N THR B 74 -34.95 -16.84 -15.87
CA THR B 74 -34.19 -16.54 -17.08
C THR B 74 -35.04 -16.33 -18.32
N SER B 75 -36.14 -17.07 -18.45
CA SER B 75 -37.00 -16.91 -19.61
C SER B 75 -37.66 -15.54 -19.64
N ALA B 76 -37.58 -14.82 -18.53
CA ALA B 76 -38.17 -13.49 -18.43
C ALA B 76 -37.11 -12.44 -18.09
N ASN B 77 -35.85 -12.88 -18.02
CA ASN B 77 -34.74 -11.99 -17.69
C ASN B 77 -35.06 -11.19 -16.44
N THR B 78 -35.65 -11.84 -15.45
CA THR B 78 -36.04 -11.17 -14.22
C THR B 78 -35.47 -11.85 -12.97
N ALA B 79 -35.05 -11.04 -12.00
CA ALA B 79 -34.51 -11.53 -10.74
C ALA B 79 -35.48 -11.06 -9.66
N TYR B 80 -35.67 -11.86 -8.62
CA TYR B 80 -36.57 -11.49 -7.54
C TYR B 80 -35.92 -11.57 -6.18
N MET B 81 -36.35 -10.69 -5.28
CA MET B 81 -35.85 -10.65 -3.91
C MET B 81 -37.09 -10.66 -3.03
N GLU B 82 -37.18 -11.64 -2.13
CA GLU B 82 -38.32 -11.69 -1.23
C GLU B 82 -37.78 -11.60 0.19
N LEU B 83 -38.26 -10.60 0.93
CA LEU B 83 -37.82 -10.39 2.30
C LEU B 83 -39.03 -10.73 3.18
N ARG B 84 -38.81 -11.63 4.13
CA ARG B 84 -39.86 -12.10 5.02
C ARG B 84 -39.76 -11.57 6.44
N SER B 85 -40.80 -11.82 7.24
CA SER B 85 -40.85 -11.38 8.64
C SER B 85 -40.45 -9.91 8.72
N LEU B 86 -41.12 -9.09 7.93
CA LEU B 86 -40.82 -7.67 7.86
C LEU B 86 -40.98 -6.92 9.16
N ARG B 87 -40.05 -6.00 9.39
CA ARG B 87 -40.05 -5.16 10.58
C ARG B 87 -39.91 -3.70 10.15
N SER B 88 -40.19 -2.78 11.07
CA SER B 88 -40.11 -1.35 10.77
C SER B 88 -38.80 -0.93 10.13
N ALA B 89 -37.70 -1.45 10.64
CA ALA B 89 -36.37 -1.13 10.13
C ALA B 89 -36.18 -1.54 8.68
N ASP B 90 -37.10 -2.33 8.13
CA ASP B 90 -36.99 -2.76 6.75
C ASP B 90 -37.53 -1.70 5.79
N THR B 91 -38.05 -0.61 6.34
CA THR B 91 -38.56 0.47 5.51
C THR B 91 -37.34 1.06 4.79
N ALA B 92 -37.31 0.99 3.46
CA ALA B 92 -36.15 1.48 2.74
C ALA B 92 -36.32 1.35 1.23
N VAL B 93 -35.31 1.78 0.49
CA VAL B 93 -35.32 1.66 -0.95
C VAL B 93 -34.47 0.43 -1.26
N TYR B 94 -35.02 -0.51 -2.02
CA TYR B 94 -34.30 -1.73 -2.37
C TYR B 94 -33.86 -1.67 -3.83
N TYR B 95 -32.56 -1.85 -4.05
CA TYR B 95 -32.00 -1.78 -5.40
C TYR B 95 -31.40 -3.10 -5.87
N CYS B 96 -31.43 -3.32 -7.18
CA CYS B 96 -30.77 -4.49 -7.74
C CYS B 96 -29.67 -3.87 -8.57
N ALA B 97 -28.54 -4.55 -8.68
CA ALA B 97 -27.44 -4.02 -9.46
C ALA B 97 -26.70 -5.16 -10.13
N ARG B 98 -26.31 -4.98 -11.38
CA ARG B 98 -25.58 -6.02 -12.10
C ARG B 98 -24.07 -5.85 -11.87
N VAL B 99 -23.34 -6.97 -11.80
CA VAL B 99 -21.91 -6.89 -11.60
C VAL B 99 -21.29 -6.45 -12.93
N GLY B 100 -19.99 -6.19 -12.93
CA GLY B 100 -19.34 -5.75 -14.15
C GLY B 100 -18.86 -6.89 -15.03
N PRO B 101 -18.32 -6.59 -16.22
CA PRO B 101 -17.82 -7.62 -17.11
C PRO B 101 -16.48 -8.08 -16.56
N TYR B 102 -15.88 -9.10 -17.16
CA TYR B 102 -14.59 -9.56 -16.67
C TYR B 102 -13.67 -9.95 -17.82
N SER B 103 -12.39 -10.04 -17.54
CA SER B 103 -11.38 -10.44 -18.52
C SER B 103 -10.84 -11.79 -18.07
N TRP B 104 -10.39 -12.60 -19.02
CA TRP B 104 -9.90 -13.94 -18.70
C TRP B 104 -8.80 -13.98 -17.66
N ASP B 105 -7.99 -12.93 -17.57
CA ASP B 105 -6.89 -12.91 -16.63
C ASP B 105 -7.10 -12.17 -15.30
N ASP B 106 -8.35 -11.80 -15.01
CA ASP B 106 -8.62 -11.11 -13.75
C ASP B 106 -8.67 -12.14 -12.63
N SER B 107 -8.86 -11.69 -11.39
CA SER B 107 -8.98 -12.60 -10.26
C SER B 107 -10.49 -12.72 -9.99
N PRO B 108 -10.91 -13.78 -9.31
CA PRO B 108 -12.32 -14.01 -8.99
C PRO B 108 -12.97 -12.64 -8.32
N GLN B 109 -14.14 -12.43 -8.69
CA GLN B 109 -14.89 -11.34 -8.08
C GLN B 109 -14.29 -9.92 -8.17
N ASP B 110 -13.31 -9.75 -9.05
CA ASP B 110 -12.70 -8.42 -9.27
C ASP B 110 -13.81 -7.53 -9.86
N ASN B 111 -14.76 -8.18 -10.53
CA ASN B 111 -15.85 -7.49 -11.21
C ASN B 111 -17.13 -7.41 -10.37
N TYR B 112 -17.07 -7.81 -9.12
CA TYR B 112 -18.27 -7.81 -8.29
C TYR B 112 -18.73 -6.50 -7.67
N TYR B 113 -18.39 -5.39 -8.32
CA TYR B 113 -18.85 -4.09 -7.86
C TYR B 113 -20.25 -3.93 -8.45
N MET B 114 -20.92 -2.82 -8.16
CA MET B 114 -22.27 -2.57 -8.67
C MET B 114 -22.14 -1.77 -9.97
N ASP B 115 -21.95 -2.48 -11.08
CA ASP B 115 -21.76 -1.87 -12.39
C ASP B 115 -22.92 -1.00 -12.87
N VAL B 116 -24.13 -1.53 -12.82
CA VAL B 116 -25.31 -0.77 -13.25
C VAL B 116 -26.42 -1.00 -12.22
N TRP B 117 -27.05 0.08 -11.77
CA TRP B 117 -28.10 0.00 -10.76
C TRP B 117 -29.51 0.24 -11.29
N GLY B 118 -30.49 -0.37 -10.62
CA GLY B 118 -31.88 -0.15 -10.97
C GLY B 118 -32.21 1.12 -10.19
N LYS B 119 -33.35 1.75 -10.44
CA LYS B 119 -33.64 2.99 -9.72
C LYS B 119 -34.18 2.77 -8.31
N GLY B 120 -34.38 1.52 -7.95
CA GLY B 120 -34.85 1.20 -6.60
C GLY B 120 -36.35 1.10 -6.44
N THR B 121 -36.76 0.29 -5.48
CA THR B 121 -38.17 0.09 -5.17
C THR B 121 -38.34 0.47 -3.70
N THR B 122 -39.31 1.34 -3.42
CA THR B 122 -39.57 1.77 -2.06
C THR B 122 -40.48 0.76 -1.36
N VAL B 123 -40.09 0.38 -0.15
CA VAL B 123 -40.88 -0.55 0.65
C VAL B 123 -41.12 0.11 1.99
N ILE B 124 -42.39 0.23 2.37
CA ILE B 124 -42.73 0.81 3.66
C ILE B 124 -43.31 -0.27 4.56
N VAL B 125 -42.80 -0.37 5.78
CA VAL B 125 -43.31 -1.37 6.71
C VAL B 125 -43.83 -0.61 7.91
N SER B 126 -45.12 -0.75 8.18
CA SER B 126 -45.74 -0.04 9.29
C SER B 126 -47.04 -0.71 9.70
N SER B 127 -47.40 -0.55 10.95
CA SER B 127 -48.65 -1.14 11.43
C SER B 127 -49.79 -0.17 11.15
N ALA B 128 -49.46 1.01 10.63
CA ALA B 128 -50.49 2.01 10.32
C ALA B 128 -51.41 1.50 9.21
N SER B 129 -52.60 2.08 9.12
CA SER B 129 -53.57 1.72 8.10
C SER B 129 -53.79 2.91 7.16
N THR B 130 -54.20 2.63 5.93
CA THR B 130 -54.43 3.68 4.94
C THR B 130 -55.41 4.73 5.46
N LYS B 131 -55.07 6.00 5.27
CA LYS B 131 -55.91 7.09 5.74
C LYS B 131 -55.67 8.36 4.93
N GLY B 132 -56.77 9.00 4.51
CA GLY B 132 -56.67 10.23 3.74
C GLY B 132 -56.27 11.40 4.61
N PRO B 133 -55.60 12.42 4.06
CA PRO B 133 -55.19 13.56 4.86
C PRO B 133 -56.28 14.58 5.13
N SER B 134 -56.02 15.44 6.11
CA SER B 134 -56.90 16.54 6.46
C SER B 134 -56.09 17.72 5.93
N VAL B 135 -56.69 18.62 5.18
CA VAL B 135 -55.96 19.75 4.65
C VAL B 135 -56.34 21.05 5.36
N PHE B 136 -55.35 21.68 6.00
CA PHE B 136 -55.59 22.90 6.74
C PHE B 136 -54.86 24.08 6.11
N PRO B 137 -55.48 25.26 6.17
CA PRO B 137 -54.85 26.43 5.58
C PRO B 137 -53.73 27.00 6.45
N LEU B 138 -52.74 27.57 5.79
CA LEU B 138 -51.64 28.25 6.46
C LEU B 138 -51.90 29.68 5.95
N ALA B 139 -52.73 30.41 6.69
CA ALA B 139 -53.13 31.77 6.32
C ALA B 139 -52.07 32.85 6.33
N PRO B 140 -52.02 33.67 5.26
CA PRO B 140 -51.07 34.76 5.11
C PRO B 140 -51.51 35.99 5.90
N SER B 141 -50.63 36.98 6.00
CA SER B 141 -50.94 38.20 6.72
C SER B 141 -49.98 39.33 6.36
N SER B 142 -49.33 39.20 5.20
CA SER B 142 -48.38 40.21 4.74
C SER B 142 -47.19 40.31 5.69
N THR B 149 -42.26 39.98 0.79
CA THR B 149 -43.53 39.51 0.24
C THR B 149 -44.31 38.78 1.33
N ALA B 150 -45.41 38.14 0.93
CA ALA B 150 -46.24 37.41 1.88
C ALA B 150 -46.05 35.92 1.63
N ALA B 151 -46.61 35.09 2.52
CA ALA B 151 -46.49 33.65 2.37
C ALA B 151 -47.76 32.98 2.88
N LEU B 152 -48.17 31.92 2.21
CA LEU B 152 -49.35 31.15 2.59
C LEU B 152 -49.10 29.70 2.20
N GLY B 153 -49.96 28.79 2.63
CA GLY B 153 -49.76 27.39 2.31
C GLY B 153 -50.85 26.48 2.79
N CYS B 154 -50.58 25.18 2.74
CA CYS B 154 -51.54 24.18 3.18
C CYS B 154 -50.83 23.12 4.01
N LEU B 155 -51.46 22.71 5.10
CA LEU B 155 -50.91 21.67 5.97
C LEU B 155 -51.68 20.41 5.64
N VAL B 156 -50.97 19.42 5.08
CA VAL B 156 -51.57 18.16 4.72
C VAL B 156 -51.19 17.23 5.88
N LYS B 157 -52.13 17.04 6.79
CA LYS B 157 -51.88 16.27 8.00
C LYS B 157 -52.58 14.94 8.20
N ASP B 158 -51.87 14.05 8.89
CA ASP B 158 -52.35 12.72 9.25
C ASP B 158 -52.81 11.80 8.12
N TYR B 159 -51.89 11.43 7.24
CA TYR B 159 -52.22 10.51 6.17
C TYR B 159 -51.24 9.36 6.17
N PHE B 160 -51.61 8.28 5.50
CA PHE B 160 -50.77 7.11 5.36
C PHE B 160 -51.30 6.29 4.20
N PRO B 161 -50.42 5.80 3.32
CA PRO B 161 -48.96 5.98 3.37
C PRO B 161 -48.55 7.12 2.44
N GLU B 162 -47.25 7.29 2.25
CA GLU B 162 -46.79 8.29 1.31
C GLU B 162 -47.09 7.64 -0.03
N PRO B 163 -47.17 8.42 -1.13
CA PRO B 163 -46.99 9.87 -1.13
C PRO B 163 -48.29 10.63 -1.34
N VAL B 164 -48.18 11.94 -1.30
CA VAL B 164 -49.31 12.83 -1.54
C VAL B 164 -48.71 13.85 -2.49
N THR B 165 -49.52 14.34 -3.44
CA THR B 165 -49.03 15.33 -4.37
C THR B 165 -49.73 16.65 -4.09
N VAL B 166 -49.00 17.76 -4.22
CA VAL B 166 -49.59 19.08 -4.00
C VAL B 166 -49.18 20.05 -5.11
N SER B 167 -50.17 20.70 -5.70
CA SER B 167 -49.92 21.69 -6.74
C SER B 167 -50.70 22.94 -6.34
N TRP B 168 -50.37 24.08 -6.92
CA TRP B 168 -51.08 25.31 -6.60
C TRP B 168 -51.80 25.85 -7.84
N ASN B 169 -53.04 26.29 -7.63
CA ASN B 169 -53.87 26.80 -8.72
C ASN B 169 -53.80 25.89 -9.93
N SER B 170 -54.01 24.59 -9.69
CA SER B 170 -54.00 23.59 -10.75
C SER B 170 -52.69 23.49 -11.52
N GLY B 171 -51.60 23.91 -10.90
CA GLY B 171 -50.31 23.84 -11.57
C GLY B 171 -49.93 25.14 -12.23
N ALA B 172 -50.86 26.10 -12.27
CA ALA B 172 -50.59 27.39 -12.88
C ALA B 172 -49.60 28.20 -12.05
N LEU B 173 -49.61 27.98 -10.73
CA LEU B 173 -48.70 28.70 -9.85
C LEU B 173 -47.52 27.81 -9.45
N THR B 174 -46.33 28.15 -9.93
CA THR B 174 -45.14 27.36 -9.62
C THR B 174 -44.07 28.22 -8.97
N SER B 175 -44.12 29.52 -9.23
CA SER B 175 -43.15 30.45 -8.66
C SER B 175 -43.33 30.57 -7.16
N GLY B 176 -42.22 30.51 -6.42
CA GLY B 176 -42.25 30.64 -4.98
C GLY B 176 -42.80 29.45 -4.19
N VAL B 177 -43.11 28.37 -4.90
CA VAL B 177 -43.67 27.17 -4.29
C VAL B 177 -42.63 26.23 -3.67
N HIS B 178 -42.90 25.76 -2.45
CA HIS B 178 -42.02 24.82 -1.77
C HIS B 178 -42.86 23.77 -1.08
N THR B 179 -42.73 22.51 -1.52
CA THR B 179 -43.46 21.43 -0.88
C THR B 179 -42.41 20.62 -0.12
N PHE B 180 -42.56 20.60 1.20
CA PHE B 180 -41.61 19.94 2.08
C PHE B 180 -41.74 18.44 2.23
N PRO B 181 -40.62 17.79 2.60
CA PRO B 181 -40.62 16.33 2.79
C PRO B 181 -41.54 16.05 3.98
N ALA B 182 -42.32 14.99 3.90
CA ALA B 182 -43.22 14.67 5.01
C ALA B 182 -42.42 14.21 6.23
N VAL B 183 -42.97 14.45 7.41
CA VAL B 183 -42.35 14.00 8.66
C VAL B 183 -43.30 12.96 9.19
N LEU B 184 -42.76 11.91 9.81
CA LEU B 184 -43.57 10.84 10.36
C LEU B 184 -43.84 11.13 11.83
N GLN B 185 -45.12 11.14 12.21
CA GLN B 185 -45.49 11.42 13.59
C GLN B 185 -45.55 10.14 14.43
N SER B 186 -45.60 10.32 15.75
CA SER B 186 -45.65 9.20 16.70
C SER B 186 -46.85 8.32 16.41
N SER B 187 -47.89 8.94 15.87
CA SER B 187 -49.12 8.22 15.56
C SER B 187 -48.93 7.25 14.43
N GLY B 188 -47.80 7.37 13.73
CA GLY B 188 -47.53 6.50 12.60
C GLY B 188 -48.06 7.14 11.32
N LEU B 189 -48.63 8.33 11.44
CA LEU B 189 -49.18 9.06 10.30
C LEU B 189 -48.23 10.16 9.84
N TYR B 190 -48.24 10.44 8.54
CA TYR B 190 -47.38 11.49 7.99
C TYR B 190 -48.05 12.86 8.02
N SER B 191 -47.22 13.88 7.86
CA SER B 191 -47.68 15.25 7.82
C SER B 191 -46.70 16.02 6.97
N LEU B 192 -47.21 16.91 6.12
CA LEU B 192 -46.31 17.71 5.30
C LEU B 192 -46.96 19.05 5.05
N SER B 193 -46.12 20.04 4.73
CA SER B 193 -46.61 21.37 4.43
C SER B 193 -46.13 21.78 3.05
N SER B 194 -46.94 22.61 2.40
CA SER B 194 -46.62 23.14 1.08
C SER B 194 -46.89 24.62 1.20
N VAL B 195 -45.89 25.44 0.87
CA VAL B 195 -46.01 26.88 0.97
C VAL B 195 -45.73 27.57 -0.36
N VAL B 196 -46.05 28.86 -0.39
CA VAL B 196 -45.81 29.67 -1.58
C VAL B 196 -45.73 31.15 -1.16
N THR B 197 -44.70 31.84 -1.64
CA THR B 197 -44.53 33.24 -1.34
C THR B 197 -45.29 33.97 -2.44
N VAL B 198 -46.08 34.96 -2.06
CA VAL B 198 -46.91 35.68 -3.00
C VAL B 198 -46.89 37.19 -2.75
N PRO B 199 -47.27 37.98 -3.77
CA PRO B 199 -47.28 39.43 -3.57
C PRO B 199 -48.30 39.78 -2.48
N SER B 200 -47.88 40.59 -1.52
CA SER B 200 -48.77 40.98 -0.44
C SER B 200 -50.03 41.66 -0.98
N SER B 201 -49.87 42.44 -2.03
CA SER B 201 -50.99 43.16 -2.64
C SER B 201 -52.01 42.27 -3.36
N SER B 202 -51.67 40.99 -3.56
CA SER B 202 -52.57 40.07 -4.23
C SER B 202 -53.50 39.35 -3.25
N LEU B 203 -53.21 39.45 -1.95
CA LEU B 203 -54.06 38.79 -0.96
C LEU B 203 -55.44 39.41 -1.00
N GLY B 204 -56.46 38.58 -1.19
CA GLY B 204 -57.81 39.07 -1.24
C GLY B 204 -58.32 39.34 -2.64
N THR B 205 -57.42 39.37 -3.62
CA THR B 205 -57.81 39.62 -5.01
C THR B 205 -57.53 38.38 -5.85
N GLN B 206 -56.35 37.80 -5.67
CA GLN B 206 -55.96 36.61 -6.41
C GLN B 206 -56.32 35.38 -5.59
N THR B 207 -56.99 34.42 -6.24
CA THR B 207 -57.37 33.20 -5.56
C THR B 207 -56.20 32.22 -5.53
N TYR B 208 -55.95 31.64 -4.36
CA TYR B 208 -54.87 30.67 -4.17
C TYR B 208 -55.49 29.38 -3.65
N ILE B 209 -55.35 28.32 -4.44
CA ILE B 209 -55.90 27.02 -4.11
C ILE B 209 -54.83 25.94 -4.17
N CYS B 210 -54.71 25.17 -3.10
CA CYS B 210 -53.74 24.08 -3.09
C CYS B 210 -54.51 22.83 -3.47
N ASN B 211 -54.01 22.11 -4.47
CA ASN B 211 -54.64 20.90 -4.95
C ASN B 211 -53.91 19.71 -4.35
N VAL B 212 -54.57 19.00 -3.44
CA VAL B 212 -53.97 17.85 -2.79
C VAL B 212 -54.56 16.54 -3.28
N ASN B 213 -53.69 15.59 -3.61
CA ASN B 213 -54.12 14.29 -4.08
C ASN B 213 -53.34 13.20 -3.37
N HIS B 214 -54.07 12.31 -2.69
CA HIS B 214 -53.49 11.17 -1.97
C HIS B 214 -54.13 9.95 -2.61
N LYS B 215 -53.50 9.46 -3.66
CA LYS B 215 -54.02 8.30 -4.40
C LYS B 215 -54.28 7.03 -3.59
N PRO B 216 -53.41 6.71 -2.63
CA PRO B 216 -53.63 5.50 -1.82
C PRO B 216 -55.03 5.42 -1.19
N SER B 217 -55.54 6.56 -0.72
CA SER B 217 -56.86 6.59 -0.10
C SER B 217 -57.91 7.25 -0.99
N ASN B 218 -57.58 7.46 -2.26
CA ASN B 218 -58.49 8.11 -3.21
C ASN B 218 -59.08 9.38 -2.59
N THR B 219 -58.20 10.21 -2.04
CA THR B 219 -58.60 11.47 -1.41
C THR B 219 -58.05 12.66 -2.18
N LYS B 220 -58.94 13.45 -2.76
CA LYS B 220 -58.54 14.65 -3.50
C LYS B 220 -59.26 15.83 -2.87
N VAL B 221 -58.50 16.88 -2.58
CA VAL B 221 -59.04 18.08 -1.97
C VAL B 221 -58.46 19.33 -2.62
N ASP B 222 -59.31 20.31 -2.88
CA ASP B 222 -58.90 21.59 -3.45
C ASP B 222 -59.27 22.62 -2.39
N LYS B 223 -58.27 23.21 -1.74
CA LYS B 223 -58.57 24.19 -0.70
C LYS B 223 -58.07 25.60 -0.96
N LYS B 224 -58.98 26.56 -0.83
CA LYS B 224 -58.67 27.96 -1.04
C LYS B 224 -58.06 28.52 0.24
N VAL B 225 -56.90 29.15 0.11
CA VAL B 225 -56.24 29.73 1.25
C VAL B 225 -56.34 31.23 1.18
N GLU B 226 -56.96 31.82 2.20
CA GLU B 226 -57.13 33.26 2.25
C GLU B 226 -56.98 33.75 3.68
N PRO B 227 -56.61 35.02 3.86
CA PRO B 227 -56.45 35.60 5.20
C PRO B 227 -57.66 35.34 6.09
N LYS B 228 -57.45 35.39 7.41
CA LYS B 228 -58.53 35.16 8.36
C LYS B 228 -59.61 36.23 8.23
N GLU C 1 10.54 -13.19 -11.63
CA GLU C 1 10.61 -12.02 -12.54
C GLU C 1 10.73 -10.71 -11.76
N ILE C 2 10.48 -10.76 -10.46
CA ILE C 2 10.57 -9.56 -9.65
C ILE C 2 12.02 -9.10 -9.62
N VAL C 3 12.25 -7.84 -9.91
CA VAL C 3 13.59 -7.28 -9.90
C VAL C 3 13.65 -6.16 -8.88
N LEU C 4 14.63 -6.22 -7.99
CA LEU C 4 14.78 -5.20 -6.97
C LEU C 4 16.02 -4.37 -7.27
N THR C 5 15.87 -3.06 -7.26
CA THR C 5 16.98 -2.17 -7.53
C THR C 5 17.20 -1.28 -6.34
N GLN C 6 18.39 -1.36 -5.76
CA GLN C 6 18.72 -0.55 -4.60
C GLN C 6 19.49 0.71 -4.98
N SER C 7 19.37 1.73 -4.13
CA SER C 7 20.05 2.99 -4.36
C SER C 7 20.20 3.69 -3.01
N PRO C 8 21.30 4.43 -2.82
CA PRO C 8 22.39 4.60 -3.77
C PRO C 8 23.30 3.39 -3.72
N GLY C 9 24.34 3.36 -4.55
CA GLY C 9 25.26 2.24 -4.55
C GLY C 9 26.08 2.27 -3.27
N THR C 10 26.40 3.47 -2.82
CA THR C 10 27.18 3.65 -1.61
C THR C 10 26.70 4.86 -0.82
N LEU C 11 26.54 4.69 0.48
CA LEU C 11 26.13 5.77 1.37
C LEU C 11 27.35 6.07 2.22
N SER C 12 27.81 7.31 2.19
CA SER C 12 28.98 7.72 2.98
C SER C 12 28.50 8.61 4.11
N LEU C 13 28.51 8.09 5.33
CA LEU C 13 28.04 8.86 6.48
C LEU C 13 28.95 8.72 7.68
N SER C 14 28.90 9.73 8.56
CA SER C 14 29.68 9.72 9.78
C SER C 14 28.73 9.32 10.91
N PRO C 15 29.26 8.78 12.02
CA PRO C 15 28.38 8.39 13.12
C PRO C 15 27.46 9.53 13.56
N GLY C 16 26.21 9.20 13.86
CA GLY C 16 25.27 10.22 14.30
C GLY C 16 24.33 10.70 13.20
N GLU C 17 24.70 10.48 11.94
CA GLU C 17 23.85 10.90 10.84
C GLU C 17 22.78 9.83 10.55
N ARG C 18 21.77 10.20 9.78
CA ARG C 18 20.72 9.26 9.45
C ARG C 18 20.96 8.60 8.09
N ALA C 19 20.81 7.28 8.04
CA ALA C 19 21.00 6.54 6.79
C ALA C 19 19.65 6.12 6.23
N THR C 20 19.42 6.43 4.97
CA THR C 20 18.18 6.04 4.31
C THR C 20 18.52 5.21 3.08
N PHE C 21 18.08 3.95 3.07
CA PHE C 21 18.33 3.03 1.95
C PHE C 21 17.07 2.86 1.11
N SER C 22 17.22 2.91 -0.20
CA SER C 22 16.09 2.75 -1.10
C SER C 22 16.11 1.42 -1.85
N CYS C 23 14.92 0.87 -2.06
CA CYS C 23 14.75 -0.39 -2.77
C CYS C 23 13.53 -0.23 -3.64
N ARG C 24 13.73 -0.28 -4.95
CA ARG C 24 12.65 -0.13 -5.91
C ARG C 24 12.35 -1.49 -6.51
N SER C 25 11.08 -1.89 -6.47
CA SER C 25 10.66 -3.17 -7.02
C SER C 25 9.96 -2.98 -8.36
N SER C 26 10.11 -3.96 -9.24
CA SER C 26 9.47 -3.90 -10.55
C SER C 26 7.98 -4.24 -10.44
N HIS C 27 7.63 -4.96 -9.37
CA HIS C 27 6.25 -5.39 -9.13
C HIS C 27 5.78 -4.94 -7.76
N SER C 28 4.61 -4.30 -7.70
CA SER C 28 4.07 -3.86 -6.43
C SER C 28 4.02 -5.06 -5.49
N ILE C 29 4.52 -4.89 -4.27
CA ILE C 29 4.53 -5.98 -3.30
C ILE C 29 3.39 -5.81 -2.30
N ARG C 30 2.18 -6.13 -2.73
CA ARG C 30 1.00 -6.02 -1.88
C ARG C 30 1.02 -6.97 -0.69
N SER C 31 1.80 -8.03 -0.79
CA SER C 31 1.90 -9.03 0.28
C SER C 31 2.73 -8.54 1.47
N ARG C 32 3.49 -7.46 1.27
CA ARG C 32 4.32 -6.92 2.35
C ARG C 32 5.52 -7.83 2.64
N ARG C 33 5.72 -8.86 1.82
CA ARG C 33 6.85 -9.75 2.05
C ARG C 33 8.13 -9.15 1.52
N VAL C 34 8.68 -8.20 2.28
CA VAL C 34 9.92 -7.52 1.94
C VAL C 34 10.84 -7.55 3.16
N ALA C 35 12.10 -7.90 2.97
CA ALA C 35 13.03 -7.95 4.09
C ALA C 35 14.33 -7.20 3.81
N TRP C 36 15.02 -6.83 4.88
CA TRP C 36 16.31 -6.15 4.76
C TRP C 36 17.33 -6.92 5.57
N TYR C 37 18.54 -7.03 5.05
CA TYR C 37 19.62 -7.74 5.73
C TYR C 37 20.88 -6.90 5.81
N GLN C 38 21.69 -7.20 6.81
CA GLN C 38 22.96 -6.53 7.05
C GLN C 38 24.04 -7.60 6.87
N HIS C 39 25.11 -7.26 6.15
CA HIS C 39 26.17 -8.24 5.95
C HIS C 39 27.54 -7.61 6.08
N LYS C 40 28.31 -8.10 7.06
CA LYS C 40 29.67 -7.60 7.28
C LYS C 40 30.63 -8.69 6.80
N PRO C 41 31.80 -8.29 6.29
CA PRO C 41 32.81 -9.23 5.79
C PRO C 41 33.14 -10.38 6.75
N GLY C 42 33.02 -11.61 6.25
CA GLY C 42 33.33 -12.78 7.05
C GLY C 42 32.36 -13.14 8.15
N GLN C 43 31.19 -12.50 8.16
CA GLN C 43 30.19 -12.79 9.18
C GLN C 43 28.90 -13.22 8.50
N ALA C 44 28.07 -13.96 9.20
CA ALA C 44 26.80 -14.42 8.63
C ALA C 44 25.89 -13.22 8.45
N PRO C 45 25.15 -13.17 7.33
CA PRO C 45 24.25 -12.05 7.13
C PRO C 45 23.25 -12.03 8.28
N ARG C 46 22.71 -10.87 8.59
CA ARG C 46 21.75 -10.78 9.69
C ARG C 46 20.47 -10.10 9.26
N LEU C 47 19.34 -10.66 9.66
CA LEU C 47 18.05 -10.09 9.31
C LEU C 47 17.86 -8.82 10.13
N VAL C 48 17.43 -7.75 9.47
CA VAL C 48 17.19 -6.48 10.14
C VAL C 48 15.70 -6.16 10.19
N ILE C 49 15.03 -6.30 9.06
CA ILE C 49 13.61 -6.01 8.93
C ILE C 49 12.92 -7.09 8.12
N HIS C 50 11.69 -7.46 8.51
CA HIS C 50 10.92 -8.44 7.76
C HIS C 50 9.48 -7.93 7.69
N GLY C 51 8.75 -8.36 6.65
CA GLY C 51 7.37 -7.92 6.51
C GLY C 51 7.28 -6.43 6.30
N VAL C 52 8.29 -5.88 5.64
CA VAL C 52 8.39 -4.47 5.32
C VAL C 52 8.74 -3.53 6.48
N SER C 53 8.06 -3.68 7.61
CA SER C 53 8.27 -2.79 8.74
C SER C 53 8.48 -3.43 10.10
N ASN C 54 8.67 -4.74 10.16
CA ASN C 54 8.86 -5.42 11.44
C ASN C 54 10.32 -5.65 11.76
N ARG C 55 10.79 -5.10 12.88
CA ARG C 55 12.18 -5.26 13.28
C ARG C 55 12.44 -6.69 13.75
N ALA C 56 13.56 -7.26 13.30
CA ALA C 56 13.92 -8.61 13.69
C ALA C 56 14.33 -8.62 15.16
N SER C 57 14.54 -9.81 15.71
CA SER C 57 14.93 -9.93 17.11
C SER C 57 16.34 -9.41 17.35
N GLY C 58 16.54 -8.79 18.51
CA GLY C 58 17.85 -8.28 18.86
C GLY C 58 18.26 -7.07 18.04
N ILE C 59 17.33 -6.53 17.27
CA ILE C 59 17.63 -5.38 16.42
C ILE C 59 17.25 -4.06 17.11
N SER C 60 18.22 -3.16 17.18
CA SER C 60 18.03 -1.86 17.80
C SER C 60 16.86 -1.11 17.17
N ASP C 61 16.16 -0.31 17.97
CA ASP C 61 15.04 0.47 17.46
C ASP C 61 15.54 1.60 16.57
N ARG C 62 16.86 1.67 16.37
CA ARG C 62 17.46 2.67 15.51
C ARG C 62 17.20 2.30 14.05
N PHE C 63 16.85 1.03 13.84
CA PHE C 63 16.56 0.50 12.51
C PHE C 63 15.06 0.44 12.29
N SER C 64 14.60 1.00 11.17
CA SER C 64 13.17 0.96 10.88
C SER C 64 12.92 0.79 9.39
N GLY C 65 11.94 -0.05 9.06
CA GLY C 65 11.60 -0.29 7.67
C GLY C 65 10.28 0.38 7.34
N SER C 66 10.13 0.80 6.09
CA SER C 66 8.88 1.44 5.68
C SER C 66 8.67 1.34 4.18
N GLY C 67 7.57 1.91 3.70
CA GLY C 67 7.28 1.86 2.29
C GLY C 67 6.08 1.00 1.96
N SER C 68 5.71 1.01 0.68
CA SER C 68 4.57 0.24 0.21
C SER C 68 4.58 0.26 -1.31
N GLY C 69 3.82 -0.64 -1.91
CA GLY C 69 3.77 -0.68 -3.36
C GLY C 69 5.08 -1.11 -3.98
N THR C 70 5.71 -0.18 -4.70
CA THR C 70 6.98 -0.48 -5.37
C THR C 70 8.20 0.20 -4.74
N ASP C 71 7.99 0.94 -3.66
CA ASP C 71 9.13 1.62 -3.03
C ASP C 71 9.25 1.31 -1.55
N PHE C 72 10.42 0.86 -1.15
CA PHE C 72 10.67 0.51 0.23
C PHE C 72 11.92 1.20 0.74
N THR C 73 11.93 1.47 2.04
CA THR C 73 13.04 2.15 2.67
C THR C 73 13.49 1.53 3.98
N LEU C 74 14.80 1.56 4.21
CA LEU C 74 15.37 1.07 5.46
C LEU C 74 16.01 2.32 6.02
N THR C 75 15.72 2.63 7.28
CA THR C 75 16.30 3.83 7.86
C THR C 75 17.02 3.55 9.16
N ILE C 76 18.18 4.19 9.31
CA ILE C 76 18.98 4.07 10.52
C ILE C 76 18.96 5.49 11.09
N THR C 77 18.05 5.73 12.03
CA THR C 77 17.90 7.05 12.66
C THR C 77 19.23 7.75 12.85
N ARG C 78 20.16 7.06 13.50
CA ARG C 78 21.49 7.60 13.74
C ARG C 78 22.49 6.46 13.57
N VAL C 79 23.46 6.67 12.68
CA VAL C 79 24.46 5.65 12.41
C VAL C 79 25.49 5.49 13.53
N GLU C 80 25.89 4.25 13.80
CA GLU C 80 26.90 3.94 14.79
C GLU C 80 28.00 3.15 14.07
N PRO C 81 29.23 3.16 14.62
CA PRO C 81 30.37 2.44 14.03
C PRO C 81 30.06 0.99 13.67
N GLU C 82 29.22 0.35 14.46
CA GLU C 82 28.85 -1.03 14.22
C GLU C 82 27.93 -1.20 13.01
N ASP C 83 27.39 -0.10 12.50
CA ASP C 83 26.46 -0.15 11.37
C ASP C 83 27.06 -0.23 9.98
N PHE C 84 28.30 0.21 9.83
CA PHE C 84 28.95 0.18 8.53
C PHE C 84 29.01 -1.26 8.03
N ALA C 85 28.41 -1.46 6.86
CA ALA C 85 28.32 -2.77 6.25
C ALA C 85 27.48 -2.68 4.98
N LEU C 86 27.18 -3.83 4.40
CA LEU C 86 26.35 -3.89 3.20
C LEU C 86 24.93 -4.17 3.64
N TYR C 87 23.96 -3.55 2.97
CA TYR C 87 22.55 -3.76 3.29
C TYR C 87 21.83 -4.18 2.02
N TYR C 88 21.05 -5.25 2.13
CA TYR C 88 20.30 -5.80 1.01
C TYR C 88 18.81 -5.89 1.31
N CYS C 89 17.97 -5.68 0.29
CA CYS C 89 16.54 -5.84 0.44
C CYS C 89 16.23 -7.13 -0.30
N GLN C 90 15.10 -7.75 0.01
CA GLN C 90 14.74 -9.01 -0.63
C GLN C 90 13.24 -9.23 -0.56
N VAL C 91 12.69 -9.90 -1.58
CA VAL C 91 11.28 -10.26 -1.54
C VAL C 91 11.33 -11.77 -1.32
N TYR C 92 10.34 -12.30 -0.60
CA TYR C 92 10.32 -13.72 -0.33
C TYR C 92 8.90 -14.26 -0.36
N GLY C 93 8.78 -15.59 -0.36
CA GLY C 93 7.49 -16.23 -0.36
C GLY C 93 6.89 -16.44 -1.74
N ALA C 94 5.90 -17.33 -1.82
CA ALA C 94 5.20 -17.63 -3.06
C ALA C 94 6.12 -17.85 -4.25
N SER C 95 7.22 -18.57 -4.03
CA SER C 95 8.16 -18.90 -5.10
C SER C 95 8.96 -17.74 -5.67
N SER C 96 8.85 -16.56 -5.06
CA SER C 96 9.59 -15.41 -5.53
C SER C 96 10.59 -14.95 -4.48
N TYR C 97 11.86 -15.29 -4.72
CA TYR C 97 12.94 -14.93 -3.82
C TYR C 97 14.02 -14.26 -4.64
N THR C 98 14.08 -12.94 -4.55
CA THR C 98 15.09 -12.19 -5.28
C THR C 98 15.65 -11.09 -4.38
N PHE C 99 16.94 -10.82 -4.53
CA PHE C 99 17.62 -9.81 -3.72
C PHE C 99 18.02 -8.57 -4.51
N GLY C 100 18.20 -7.47 -3.80
CA GLY C 100 18.67 -6.24 -4.43
C GLY C 100 20.18 -6.41 -4.57
N GLN C 101 20.86 -5.51 -5.27
CA GLN C 101 22.30 -5.64 -5.46
C GLN C 101 23.09 -5.14 -4.25
N GLY C 102 22.38 -4.56 -3.29
CA GLY C 102 23.03 -4.06 -2.08
C GLY C 102 23.52 -2.64 -2.11
N THR C 103 23.53 -2.02 -0.93
CA THR C 103 24.00 -0.66 -0.76
C THR C 103 25.08 -0.73 0.31
N LYS C 104 26.23 -0.13 0.05
CA LYS C 104 27.30 -0.15 1.02
C LYS C 104 27.24 1.11 1.87
N LEU C 105 27.14 0.93 3.19
CA LEU C 105 27.14 2.06 4.09
C LEU C 105 28.59 2.15 4.55
N GLU C 106 29.29 3.19 4.13
CA GLU C 106 30.69 3.35 4.53
C GLU C 106 30.85 4.62 5.36
N ARG C 107 32.01 4.74 6.02
CA ARG C 107 32.25 5.88 6.89
C ARG C 107 32.89 7.11 6.28
N LYS C 108 32.16 8.22 6.38
CA LYS C 108 32.64 9.49 5.86
C LYS C 108 33.72 10.06 6.76
N ARG C 109 34.73 10.67 6.15
CA ARG C 109 35.82 11.33 6.86
C ARG C 109 36.33 12.40 5.92
N THR C 110 37.29 13.22 6.36
CA THR C 110 37.84 14.26 5.50
C THR C 110 38.63 13.63 4.36
N VAL C 111 38.71 14.35 3.24
CA VAL C 111 39.44 13.87 2.08
C VAL C 111 40.91 13.66 2.42
N ALA C 112 41.47 12.54 1.95
CA ALA C 112 42.86 12.22 2.22
C ALA C 112 43.49 11.74 0.92
N ALA C 113 44.53 12.44 0.48
CA ALA C 113 45.21 12.06 -0.75
C ALA C 113 46.05 10.82 -0.49
N PRO C 114 46.22 9.97 -1.51
CA PRO C 114 47.02 8.77 -1.30
C PRO C 114 48.51 9.01 -1.47
N SER C 115 49.31 8.23 -0.75
CA SER C 115 50.75 8.29 -0.92
C SER C 115 50.95 7.19 -1.96
N VAL C 116 51.68 7.51 -3.03
CA VAL C 116 51.89 6.56 -4.13
C VAL C 116 53.30 6.01 -4.16
N PHE C 117 53.41 4.72 -4.46
CA PHE C 117 54.70 4.03 -4.53
C PHE C 117 54.68 3.08 -5.72
N ILE C 118 55.80 2.98 -6.44
CA ILE C 118 55.85 2.06 -7.57
C ILE C 118 57.00 1.08 -7.31
N PHE C 119 56.75 -0.20 -7.63
CA PHE C 119 57.74 -1.26 -7.42
C PHE C 119 58.03 -2.02 -8.71
N PRO C 120 59.31 -2.06 -9.13
CA PRO C 120 59.66 -2.79 -10.36
C PRO C 120 59.64 -4.29 -10.06
N PRO C 121 59.61 -5.13 -11.09
CA PRO C 121 59.61 -6.58 -10.84
C PRO C 121 60.97 -6.92 -10.23
N SER C 122 60.99 -7.93 -9.36
CA SER C 122 62.23 -8.34 -8.71
C SER C 122 63.07 -9.21 -9.62
N ASP C 123 64.40 -9.15 -9.46
CA ASP C 123 65.29 -9.99 -10.24
C ASP C 123 64.84 -11.43 -10.08
N GLU C 124 64.40 -11.77 -8.87
CA GLU C 124 63.94 -13.12 -8.57
C GLU C 124 62.79 -13.55 -9.49
N GLN C 125 61.75 -12.72 -9.60
CA GLN C 125 60.62 -13.06 -10.45
C GLN C 125 61.05 -13.15 -11.90
N LEU C 126 61.89 -12.20 -12.32
CA LEU C 126 62.37 -12.20 -13.69
C LEU C 126 63.16 -13.48 -13.93
N LYS C 127 64.01 -13.86 -12.98
CA LYS C 127 64.79 -15.07 -13.12
C LYS C 127 63.86 -16.27 -13.23
N SER C 128 62.73 -16.21 -12.53
CA SER C 128 61.76 -17.30 -12.55
C SER C 128 60.88 -17.33 -13.80
N GLY C 129 60.87 -16.27 -14.60
CA GLY C 129 60.06 -16.31 -15.81
C GLY C 129 59.18 -15.15 -16.27
N THR C 130 58.54 -14.42 -15.34
CA THR C 130 57.68 -13.31 -15.74
C THR C 130 57.91 -12.00 -14.98
N ALA C 131 57.08 -11.00 -15.22
CA ALA C 131 57.26 -9.71 -14.58
C ALA C 131 55.98 -9.03 -14.09
N SER C 132 56.01 -8.57 -12.84
CA SER C 132 54.87 -7.88 -12.25
C SER C 132 55.31 -6.49 -11.78
N VAL C 133 54.60 -5.45 -12.22
CA VAL C 133 54.92 -4.09 -11.79
C VAL C 133 53.79 -3.70 -10.84
N VAL C 134 54.15 -3.23 -9.66
CA VAL C 134 53.13 -2.89 -8.66
C VAL C 134 53.11 -1.42 -8.27
N CYS C 135 51.90 -0.87 -8.18
CA CYS C 135 51.73 0.52 -7.78
C CYS C 135 50.82 0.48 -6.56
N LEU C 136 51.25 1.15 -5.50
CA LEU C 136 50.49 1.19 -4.26
C LEU C 136 49.99 2.59 -3.98
N LEU C 137 48.70 2.68 -3.62
CA LEU C 137 48.05 3.94 -3.26
C LEU C 137 47.70 3.68 -1.81
N ASN C 138 48.35 4.42 -0.91
CA ASN C 138 48.18 4.19 0.52
C ASN C 138 47.39 5.23 1.30
N ASN C 139 46.52 4.72 2.17
CA ASN C 139 45.69 5.51 3.06
C ASN C 139 45.02 6.73 2.45
N PHE C 140 44.01 6.51 1.61
CA PHE C 140 43.30 7.61 0.99
C PHE C 140 41.79 7.56 1.23
N TYR C 141 41.14 8.67 0.93
CA TYR C 141 39.69 8.77 1.09
C TYR C 141 39.22 9.99 0.30
N PRO C 142 38.10 9.88 -0.43
CA PRO C 142 37.23 8.72 -0.60
C PRO C 142 37.82 7.58 -1.42
N ARG C 143 37.04 6.52 -1.56
CA ARG C 143 37.47 5.33 -2.28
C ARG C 143 37.79 5.53 -3.76
N GLU C 144 37.02 6.37 -4.44
CA GLU C 144 37.21 6.63 -5.86
C GLU C 144 38.64 7.04 -6.18
N ALA C 145 39.28 6.31 -7.09
CA ALA C 145 40.65 6.61 -7.49
C ALA C 145 40.92 6.02 -8.86
N LYS C 146 41.75 6.70 -9.64
CA LYS C 146 42.08 6.21 -10.97
C LYS C 146 43.58 5.97 -11.08
N VAL C 147 43.95 4.80 -11.58
CA VAL C 147 45.34 4.44 -11.77
C VAL C 147 45.53 4.17 -13.24
N GLN C 148 46.47 4.87 -13.85
CA GLN C 148 46.76 4.69 -15.27
C GLN C 148 48.21 4.29 -15.45
N TRP C 149 48.43 3.14 -16.08
CA TRP C 149 49.79 2.67 -16.33
C TRP C 149 50.25 3.12 -17.71
N LYS C 150 51.52 3.52 -17.77
CA LYS C 150 52.16 3.97 -19.00
C LYS C 150 53.50 3.26 -19.12
N VAL C 151 53.76 2.66 -20.28
CA VAL C 151 55.04 1.98 -20.52
C VAL C 151 55.65 2.65 -21.75
N ASP C 152 56.79 3.32 -21.61
CA ASP C 152 57.38 4.05 -22.73
C ASP C 152 56.32 4.99 -23.34
N ASN C 153 55.56 5.65 -22.48
CA ASN C 153 54.50 6.60 -22.87
C ASN C 153 53.26 5.95 -23.44
N ALA C 154 53.25 4.65 -23.51
CA ALA C 154 52.09 3.93 -24.08
C ALA C 154 51.06 3.65 -22.98
N LEU C 155 49.84 4.05 -23.20
CA LEU C 155 48.75 3.87 -22.24
C LEU C 155 48.35 2.40 -22.18
N GLN C 156 48.40 1.80 -21.00
CA GLN C 156 48.04 0.39 -20.83
C GLN C 156 46.58 0.25 -20.43
N SER C 157 45.86 -0.66 -21.09
CA SER C 157 44.45 -0.87 -20.76
C SER C 157 44.09 -2.35 -20.85
N GLY C 158 43.61 -2.89 -19.73
CA GLY C 158 43.21 -4.28 -19.70
C GLY C 158 44.21 -5.28 -19.19
N ASN C 159 45.45 -4.87 -18.97
CA ASN C 159 46.46 -5.80 -18.49
C ASN C 159 46.92 -5.55 -17.05
N SER C 160 46.03 -4.98 -16.24
CA SER C 160 46.33 -4.72 -14.85
C SER C 160 45.13 -5.10 -13.98
N GLN C 161 45.38 -5.47 -12.74
CA GLN C 161 44.30 -5.84 -11.83
C GLN C 161 44.44 -5.00 -10.56
N GLU C 162 43.32 -4.50 -10.04
CA GLU C 162 43.34 -3.70 -8.81
C GLU C 162 42.73 -4.46 -7.66
N SER C 163 43.22 -4.20 -6.45
CA SER C 163 42.72 -4.84 -5.25
C SER C 163 42.65 -3.72 -4.21
N VAL C 164 41.56 -3.67 -3.44
CA VAL C 164 41.42 -2.62 -2.44
C VAL C 164 41.15 -3.22 -1.08
N THR C 165 41.71 -2.61 -0.04
CA THR C 165 41.47 -3.11 1.31
C THR C 165 40.12 -2.60 1.81
N GLU C 166 39.60 -3.23 2.85
CA GLU C 166 38.34 -2.79 3.45
C GLU C 166 38.67 -1.47 4.14
N GLN C 167 37.67 -0.63 4.35
CA GLN C 167 37.93 0.64 5.00
C GLN C 167 38.56 0.39 6.38
N ASP C 168 39.62 1.13 6.69
CA ASP C 168 40.34 0.97 7.96
C ASP C 168 39.44 1.33 9.15
N SER C 169 39.40 0.45 10.15
CA SER C 169 38.56 0.67 11.32
C SER C 169 39.08 1.78 12.24
N LYS C 170 40.31 2.19 12.02
CA LYS C 170 40.93 3.23 12.84
C LYS C 170 40.92 4.62 12.21
N ASP C 171 41.37 4.73 10.95
CA ASP C 171 41.41 6.04 10.31
C ASP C 171 40.44 6.21 9.14
N SER C 172 39.66 5.17 8.86
CA SER C 172 38.66 5.21 7.79
C SER C 172 39.17 5.38 6.37
N THR C 173 40.43 5.04 6.14
CA THR C 173 40.97 5.19 4.79
C THR C 173 41.01 3.84 4.08
N TYR C 174 41.34 3.92 2.80
CA TYR C 174 41.48 2.75 1.94
C TYR C 174 42.89 2.74 1.37
N SER C 175 43.30 1.57 0.91
CA SER C 175 44.59 1.41 0.26
C SER C 175 44.31 0.53 -0.94
N LEU C 176 45.09 0.70 -2.00
CA LEU C 176 44.84 -0.06 -3.21
C LEU C 176 46.15 -0.42 -3.86
N SER C 177 46.17 -1.59 -4.50
CA SER C 177 47.34 -2.02 -5.22
C SER C 177 46.88 -2.30 -6.64
N SER C 178 47.73 -1.95 -7.59
CA SER C 178 47.43 -2.21 -8.98
C SER C 178 48.66 -2.94 -9.49
N THR C 179 48.43 -4.06 -10.15
CA THR C 179 49.52 -4.86 -10.66
C THR C 179 49.44 -4.98 -12.17
N LEU C 180 50.51 -4.56 -12.83
CA LEU C 180 50.62 -4.61 -14.28
C LEU C 180 51.36 -5.90 -14.61
N THR C 181 50.74 -6.74 -15.43
CA THR C 181 51.34 -8.00 -15.82
C THR C 181 51.83 -7.94 -17.26
N LEU C 182 53.04 -8.44 -17.48
CA LEU C 182 53.59 -8.48 -18.83
C LEU C 182 54.63 -9.58 -18.87
N SER C 183 54.95 -10.04 -20.07
CA SER C 183 55.94 -11.09 -20.21
C SER C 183 57.32 -10.52 -19.91
N LYS C 184 58.23 -11.39 -19.50
CA LYS C 184 59.59 -10.96 -19.21
C LYS C 184 60.15 -10.30 -20.46
N ALA C 185 59.86 -10.90 -21.61
CA ALA C 185 60.33 -10.39 -22.90
C ALA C 185 59.88 -8.96 -23.15
N ASP C 186 58.60 -8.66 -22.89
CA ASP C 186 58.08 -7.32 -23.08
C ASP C 186 58.69 -6.33 -22.09
N TYR C 187 58.85 -6.77 -20.84
CA TYR C 187 59.44 -5.90 -19.83
C TYR C 187 60.83 -5.42 -20.23
N GLU C 188 61.65 -6.34 -20.72
CA GLU C 188 63.02 -6.03 -21.13
C GLU C 188 63.06 -5.19 -22.40
N LYS C 189 61.97 -5.25 -23.17
CA LYS C 189 61.87 -4.52 -24.42
C LYS C 189 61.53 -3.04 -24.22
N HIS C 190 61.19 -2.65 -22.99
CA HIS C 190 60.86 -1.25 -22.71
C HIS C 190 61.65 -0.70 -21.53
N LYS C 191 61.64 0.62 -21.40
CA LYS C 191 62.42 1.28 -20.35
C LYS C 191 61.70 2.06 -19.24
N VAL C 192 60.77 2.91 -19.63
CA VAL C 192 60.07 3.73 -18.64
C VAL C 192 58.71 3.19 -18.20
N TYR C 193 58.59 2.90 -16.91
CA TYR C 193 57.36 2.37 -16.35
C TYR C 193 56.80 3.41 -15.41
N ALA C 194 55.51 3.71 -15.54
CA ALA C 194 54.93 4.72 -14.68
C ALA C 194 53.45 4.54 -14.35
N CYS C 195 53.07 4.94 -13.14
CA CYS C 195 51.67 4.88 -12.76
C CYS C 195 51.24 6.28 -12.38
N GLU C 196 50.19 6.74 -13.05
CA GLU C 196 49.63 8.06 -12.85
C GLU C 196 48.36 7.90 -12.03
N VAL C 197 48.31 8.58 -10.89
CA VAL C 197 47.17 8.48 -9.99
C VAL C 197 46.34 9.75 -9.92
N THR C 198 45.03 9.61 -10.09
CA THR C 198 44.10 10.73 -10.02
C THR C 198 43.21 10.52 -8.81
N HIS C 199 43.13 11.53 -7.95
CA HIS C 199 42.30 11.44 -6.74
C HIS C 199 41.84 12.83 -6.33
N GLN C 200 40.67 12.87 -5.71
CA GLN C 200 40.09 14.13 -5.25
C GLN C 200 41.02 14.92 -4.35
N GLY C 201 41.85 14.22 -3.58
CA GLY C 201 42.77 14.88 -2.67
C GLY C 201 44.02 15.41 -3.34
N LEU C 202 44.16 15.12 -4.63
CA LEU C 202 45.32 15.57 -5.39
C LEU C 202 44.96 16.74 -6.32
N ARG C 203 45.63 17.87 -6.12
CA ARG C 203 45.41 19.07 -6.93
C ARG C 203 45.52 18.70 -8.40
N SER C 204 46.51 17.86 -8.70
CA SER C 204 46.73 17.38 -10.07
C SER C 204 47.25 15.95 -9.97
N PRO C 205 47.05 15.15 -11.02
CA PRO C 205 47.51 13.75 -11.02
C PRO C 205 48.98 13.61 -10.61
N VAL C 206 49.28 12.59 -9.83
CA VAL C 206 50.64 12.30 -9.36
C VAL C 206 51.17 11.10 -10.12
N THR C 207 52.42 11.19 -10.58
CA THR C 207 53.01 10.09 -11.32
C THR C 207 54.29 9.62 -10.66
N LYS C 208 54.39 8.30 -10.49
CA LYS C 208 55.57 7.68 -9.91
C LYS C 208 56.09 6.78 -11.02
N SER C 209 57.39 6.77 -11.23
CA SER C 209 57.95 5.94 -12.29
C SER C 209 59.38 5.50 -12.00
N PHE C 210 59.88 4.61 -12.85
CA PHE C 210 61.25 4.12 -12.74
C PHE C 210 61.71 3.68 -14.12
N ASN C 211 63.01 3.60 -14.29
CA ASN C 211 63.61 3.17 -15.54
C ASN C 211 64.17 1.75 -15.36
N ARG C 212 63.72 0.83 -16.21
CA ARG C 212 64.18 -0.54 -16.16
C ARG C 212 65.70 -0.55 -16.39
N GLY C 213 66.45 -0.86 -15.34
CA GLY C 213 67.89 -0.90 -15.48
C GLY C 213 68.62 -0.32 -14.28
N GLU C 214 68.41 0.95 -14.00
CA GLU C 214 69.06 1.59 -12.86
C GLU C 214 68.07 1.90 -11.75
N CYS C 215 68.13 1.10 -10.69
CA CYS C 215 67.27 1.27 -9.53
C CYS C 215 65.80 1.40 -9.95
N GLN D 1 19.04 -19.12 21.67
CA GLN D 1 20.34 -19.17 20.94
C GLN D 1 20.19 -19.95 19.64
N VAL D 2 19.32 -19.47 18.75
CA VAL D 2 19.12 -20.15 17.47
C VAL D 2 20.45 -20.06 16.72
N GLN D 3 20.96 -21.21 16.31
CA GLN D 3 22.24 -21.24 15.62
C GLN D 3 22.33 -22.32 14.55
N LEU D 4 23.03 -21.98 13.47
CA LEU D 4 23.24 -22.88 12.34
C LEU D 4 24.73 -22.97 12.06
N VAL D 5 25.29 -24.17 12.17
CA VAL D 5 26.72 -24.40 11.93
C VAL D 5 26.92 -25.24 10.67
N GLN D 6 27.74 -24.73 9.76
CA GLN D 6 27.99 -25.40 8.47
C GLN D 6 29.35 -26.07 8.34
N SER D 7 29.43 -27.02 7.41
CA SER D 7 30.68 -27.73 7.17
C SER D 7 31.72 -26.78 6.58
N GLY D 8 32.98 -27.21 6.58
CA GLY D 8 34.07 -26.37 6.10
C GLY D 8 34.22 -26.20 4.60
N ALA D 9 35.09 -25.27 4.23
CA ALA D 9 35.37 -24.94 2.83
C ALA D 9 35.67 -26.19 2.00
N GLU D 10 35.34 -26.09 0.72
CA GLU D 10 35.55 -27.20 -0.21
C GLU D 10 36.20 -26.71 -1.51
N VAL D 11 36.93 -27.61 -2.16
CA VAL D 11 37.56 -27.33 -3.44
C VAL D 11 37.26 -28.53 -4.33
N LYS D 12 36.56 -28.30 -5.43
CA LYS D 12 36.17 -29.37 -6.33
C LYS D 12 36.53 -29.06 -7.77
N LYS D 13 36.73 -30.10 -8.56
CA LYS D 13 37.05 -29.93 -9.97
C LYS D 13 35.73 -29.91 -10.74
N PRO D 14 35.74 -29.37 -11.97
CA PRO D 14 34.50 -29.32 -12.75
C PRO D 14 33.94 -30.72 -12.98
N GLY D 15 32.61 -30.83 -12.90
CA GLY D 15 31.97 -32.12 -13.11
C GLY D 15 31.70 -32.91 -11.85
N ALA D 16 32.36 -32.54 -10.75
CA ALA D 16 32.20 -33.24 -9.49
C ALA D 16 31.03 -32.70 -8.69
N SER D 17 30.76 -33.32 -7.55
CA SER D 17 29.65 -32.87 -6.72
C SER D 17 30.16 -32.50 -5.34
N VAL D 18 29.34 -31.76 -4.60
CA VAL D 18 29.71 -31.33 -3.26
C VAL D 18 28.48 -31.45 -2.38
N LYS D 19 28.71 -31.72 -1.10
CA LYS D 19 27.61 -31.84 -0.16
C LYS D 19 27.96 -31.02 1.07
N VAL D 20 27.13 -30.03 1.36
CA VAL D 20 27.30 -29.14 2.49
C VAL D 20 26.28 -29.49 3.56
N SER D 21 26.68 -29.38 4.82
CA SER D 21 25.78 -29.69 5.91
C SER D 21 25.47 -28.46 6.73
N CYS D 22 24.34 -28.48 7.43
CA CYS D 22 23.88 -27.37 8.25
C CYS D 22 23.30 -27.96 9.53
N GLN D 23 24.02 -27.83 10.64
CA GLN D 23 23.54 -28.37 11.92
C GLN D 23 22.88 -27.29 12.77
N ALA D 24 21.60 -27.49 13.09
CA ALA D 24 20.84 -26.53 13.87
C ALA D 24 20.93 -26.76 15.36
N SER D 25 20.62 -25.72 16.13
CA SER D 25 20.63 -25.77 17.57
C SER D 25 19.85 -24.60 18.14
N GLY D 26 19.43 -24.70 19.39
CA GLY D 26 18.71 -23.61 19.99
C GLY D 26 17.22 -23.57 19.70
N TYR D 27 16.71 -24.59 19.03
CA TYR D 27 15.30 -24.66 18.71
C TYR D 27 14.89 -26.05 18.23
N ARG D 28 13.60 -26.22 17.95
CA ARG D 28 13.07 -27.49 17.49
C ARG D 28 13.28 -27.57 15.97
N PHE D 29 14.30 -28.32 15.58
CA PHE D 29 14.69 -28.50 14.19
C PHE D 29 13.57 -28.87 13.22
N SER D 30 12.76 -29.85 13.60
CA SER D 30 11.67 -30.33 12.77
C SER D 30 10.53 -29.34 12.53
N ASN D 31 10.50 -28.26 13.30
CA ASN D 31 9.42 -27.27 13.17
C ASN D 31 9.68 -26.11 12.22
N PHE D 32 10.87 -26.04 11.64
CA PHE D 32 11.19 -24.92 10.75
C PHE D 32 11.78 -25.31 9.39
N VAL D 33 11.29 -24.66 8.36
CA VAL D 33 11.80 -24.89 7.01
C VAL D 33 13.20 -24.29 6.93
N ILE D 34 14.05 -24.88 6.10
CA ILE D 34 15.42 -24.40 5.91
C ILE D 34 15.62 -23.97 4.46
N HIS D 35 16.19 -22.78 4.26
CA HIS D 35 16.48 -22.25 2.94
C HIS D 35 17.97 -22.39 2.62
N TRP D 36 18.27 -22.54 1.34
CA TRP D 36 19.65 -22.60 0.91
C TRP D 36 19.79 -21.46 -0.08
N VAL D 37 20.83 -20.66 0.12
CA VAL D 37 21.09 -19.48 -0.70
C VAL D 37 22.60 -19.40 -0.92
N ARG D 38 23.02 -18.90 -2.07
CA ARG D 38 24.45 -18.79 -2.32
C ARG D 38 24.80 -17.40 -2.83
N GLN D 39 26.08 -17.06 -2.78
CA GLN D 39 26.53 -15.78 -3.31
C GLN D 39 27.88 -15.97 -3.93
N ALA D 40 27.92 -15.85 -5.25
CA ALA D 40 29.17 -15.98 -6.00
C ALA D 40 29.82 -14.61 -6.00
N PRO D 41 31.15 -14.55 -6.08
CA PRO D 41 31.83 -13.25 -6.08
C PRO D 41 31.31 -12.27 -7.14
N GLY D 42 30.94 -11.07 -6.69
CA GLY D 42 30.44 -10.05 -7.59
C GLY D 42 28.99 -10.19 -8.01
N GLN D 43 28.32 -11.23 -7.53
CA GLN D 43 26.92 -11.45 -7.89
C GLN D 43 26.00 -11.20 -6.71
N ARG D 44 24.70 -11.22 -6.98
CA ARG D 44 23.70 -11.03 -5.92
C ARG D 44 23.46 -12.37 -5.26
N PHE D 45 22.87 -12.36 -4.07
CA PHE D 45 22.57 -13.60 -3.38
C PHE D 45 21.59 -14.30 -4.31
N GLU D 46 21.66 -15.61 -4.35
CA GLU D 46 20.79 -16.41 -5.22
C GLU D 46 20.11 -17.55 -4.46
N TRP D 47 18.80 -17.44 -4.28
CA TRP D 47 18.04 -18.48 -3.58
C TRP D 47 18.09 -19.78 -4.39
N MET D 48 18.28 -20.91 -3.72
CA MET D 48 18.34 -22.20 -4.39
C MET D 48 17.10 -23.06 -4.13
N GLY D 49 16.55 -22.92 -2.93
CA GLY D 49 15.36 -23.67 -2.57
C GLY D 49 15.26 -23.84 -1.07
N TRP D 50 14.22 -24.57 -0.65
CA TRP D 50 14.02 -24.83 0.78
C TRP D 50 13.53 -26.24 1.03
N ILE D 51 13.66 -26.68 2.26
CA ILE D 51 13.21 -28.01 2.66
C ILE D 51 12.54 -27.96 4.02
N ASN D 52 11.47 -28.73 4.18
CA ASN D 52 10.75 -28.82 5.44
C ASN D 52 11.24 -30.10 6.08
N PRO D 53 12.03 -30.00 7.16
CA PRO D 53 12.58 -31.16 7.88
C PRO D 53 11.54 -32.16 8.39
N TYR D 54 10.37 -31.66 8.77
CA TYR D 54 9.30 -32.47 9.28
C TYR D 54 8.71 -33.50 8.30
N ASN D 55 8.27 -33.02 7.14
CA ASN D 55 7.65 -33.88 6.15
C ASN D 55 8.49 -34.14 4.89
N GLY D 56 9.63 -33.49 4.78
CA GLY D 56 10.48 -33.69 3.62
C GLY D 56 10.03 -32.90 2.41
N ASN D 57 9.08 -31.99 2.58
CA ASN D 57 8.61 -31.18 1.46
C ASN D 57 9.74 -30.26 1.03
N LYS D 58 9.84 -29.99 -0.27
CA LYS D 58 10.88 -29.12 -0.79
C LYS D 58 10.40 -28.30 -1.98
N GLU D 59 11.05 -27.16 -2.19
CA GLU D 59 10.75 -26.31 -3.33
C GLU D 59 12.11 -25.93 -3.89
N PHE D 60 12.25 -25.96 -5.21
CA PHE D 60 13.52 -25.62 -5.83
C PHE D 60 13.40 -24.42 -6.76
N SER D 61 14.47 -23.65 -6.86
CA SER D 61 14.49 -22.52 -7.77
C SER D 61 14.56 -23.23 -9.11
N ALA D 62 14.00 -22.63 -10.15
CA ALA D 62 14.02 -23.25 -11.48
C ALA D 62 15.44 -23.51 -11.98
N LYS D 63 16.37 -22.68 -11.53
CA LYS D 63 17.76 -22.81 -11.95
C LYS D 63 18.50 -24.02 -11.38
N PHE D 64 18.00 -24.58 -10.29
CA PHE D 64 18.65 -25.75 -9.68
C PHE D 64 17.71 -26.95 -9.57
N GLN D 65 16.60 -26.89 -10.29
CA GLN D 65 15.59 -27.95 -10.27
C GLN D 65 16.08 -29.39 -10.36
N ASP D 66 17.07 -29.66 -11.20
CA ASP D 66 17.52 -31.05 -11.35
C ASP D 66 18.90 -31.45 -10.82
N ARG D 67 19.77 -30.50 -10.48
CA ARG D 67 21.08 -30.91 -9.99
C ARG D 67 21.35 -30.69 -8.51
N VAL D 68 20.33 -30.29 -7.75
CA VAL D 68 20.52 -30.12 -6.32
C VAL D 68 19.60 -31.08 -5.57
N THR D 69 20.10 -31.62 -4.46
CA THR D 69 19.34 -32.54 -3.64
C THR D 69 19.33 -32.01 -2.21
N PHE D 70 18.14 -31.83 -1.66
CA PHE D 70 18.00 -31.36 -0.30
C PHE D 70 17.61 -32.55 0.58
N THR D 71 18.29 -32.69 1.72
CA THR D 71 17.98 -33.78 2.64
C THR D 71 18.07 -33.28 4.08
N ALA D 72 17.38 -33.98 4.99
CA ALA D 72 17.39 -33.60 6.39
C ALA D 72 17.45 -34.84 7.27
N ASP D 73 18.20 -34.73 8.36
CA ASP D 73 18.33 -35.83 9.32
C ASP D 73 17.85 -35.32 10.67
N THR D 74 16.55 -35.49 10.93
CA THR D 74 15.96 -35.02 12.18
C THR D 74 16.64 -35.62 13.41
N SER D 75 17.35 -36.73 13.22
CA SER D 75 18.05 -37.38 14.32
C SER D 75 19.27 -36.59 14.75
N ALA D 76 19.90 -35.90 13.80
CA ALA D 76 21.08 -35.09 14.08
C ALA D 76 20.81 -33.61 13.96
N ASN D 77 19.56 -33.26 13.68
CA ASN D 77 19.17 -31.86 13.54
C ASN D 77 20.07 -31.19 12.50
N THR D 78 20.31 -31.91 11.41
CA THR D 78 21.16 -31.41 10.33
C THR D 78 20.45 -31.49 8.98
N ALA D 79 20.66 -30.46 8.16
CA ALA D 79 20.08 -30.41 6.82
C ALA D 79 21.26 -30.44 5.87
N TYR D 80 21.07 -31.05 4.69
CA TYR D 80 22.16 -31.13 3.71
C TYR D 80 21.75 -30.61 2.36
N MET D 81 22.73 -30.23 1.56
CA MET D 81 22.50 -29.73 0.21
C MET D 81 23.59 -30.33 -0.66
N GLU D 82 23.19 -31.07 -1.68
CA GLU D 82 24.17 -31.68 -2.57
C GLU D 82 24.02 -31.03 -3.93
N LEU D 83 25.11 -30.52 -4.47
CA LEU D 83 25.07 -29.88 -5.78
C LEU D 83 25.95 -30.72 -6.70
N ARG D 84 25.35 -31.27 -7.75
CA ARG D 84 26.08 -32.12 -8.69
C ARG D 84 26.52 -31.38 -9.94
N SER D 85 27.34 -32.03 -10.74
CA SER D 85 27.85 -31.48 -11.99
C SER D 85 28.32 -30.04 -11.85
N LEU D 86 29.25 -29.83 -10.92
CA LEU D 86 29.77 -28.50 -10.67
C LEU D 86 30.51 -27.90 -11.86
N ARG D 87 30.35 -26.58 -12.01
CA ARG D 87 31.05 -25.84 -13.06
C ARG D 87 31.62 -24.59 -12.38
N SER D 88 32.57 -23.91 -13.04
CA SER D 88 33.21 -22.73 -12.45
C SER D 88 32.28 -21.71 -11.80
N ALA D 89 31.17 -21.41 -12.46
CA ALA D 89 30.20 -20.45 -11.96
C ALA D 89 29.55 -20.86 -10.65
N ASP D 90 29.77 -22.10 -10.23
CA ASP D 90 29.20 -22.55 -8.97
C ASP D 90 30.12 -22.15 -7.82
N THR D 91 31.24 -21.53 -8.16
CA THR D 91 32.18 -21.07 -7.15
C THR D 91 31.47 -19.98 -6.36
N ALA D 92 31.27 -20.22 -5.07
CA ALA D 92 30.56 -19.25 -4.23
C ALA D 92 30.49 -19.69 -2.79
N VAL D 93 29.85 -18.87 -1.97
CA VAL D 93 29.65 -19.19 -0.57
C VAL D 93 28.21 -19.67 -0.47
N TYR D 94 28.01 -20.85 0.07
CA TYR D 94 26.67 -21.43 0.22
C TYR D 94 26.15 -21.31 1.64
N TYR D 95 25.02 -20.64 1.79
CA TYR D 95 24.41 -20.41 3.10
C TYR D 95 23.13 -21.18 3.33
N CYS D 96 22.89 -21.55 4.58
CA CYS D 96 21.63 -22.19 4.94
C CYS D 96 21.02 -21.17 5.88
N ALA D 97 19.70 -21.14 5.94
CA ALA D 97 19.04 -20.20 6.83
C ALA D 97 17.68 -20.75 7.22
N ARG D 98 17.29 -20.48 8.45
CA ARG D 98 16.01 -20.94 8.97
C ARG D 98 14.97 -19.86 8.76
N VAL D 99 13.74 -20.25 8.44
CA VAL D 99 12.68 -19.28 8.26
C VAL D 99 12.33 -18.74 9.65
N GLY D 100 11.48 -17.73 9.69
CA GLY D 100 11.11 -17.14 10.96
C GLY D 100 9.97 -17.85 11.68
N PRO D 101 9.66 -17.43 12.91
CA PRO D 101 8.59 -18.04 13.69
C PRO D 101 7.23 -17.91 13.02
N TYR D 102 6.40 -18.95 13.18
CA TYR D 102 5.08 -18.98 12.57
C TYR D 102 3.96 -18.75 13.58
N SER D 103 2.81 -18.31 13.07
CA SER D 103 1.62 -18.06 13.87
C SER D 103 0.42 -18.38 12.99
N TRP D 104 -0.52 -19.17 13.50
CA TRP D 104 -1.69 -19.56 12.73
C TRP D 104 -2.38 -18.39 12.03
N ASP D 105 -2.35 -17.22 12.67
CA ASP D 105 -2.99 -16.04 12.10
C ASP D 105 -2.26 -15.50 10.88
N ASP D 106 -0.97 -15.79 10.78
CA ASP D 106 -0.18 -15.34 9.63
C ASP D 106 -0.56 -16.12 8.37
N SER D 107 -0.43 -15.48 7.22
CA SER D 107 -0.74 -16.13 5.96
C SER D 107 0.40 -17.06 5.58
N PRO D 108 0.13 -18.05 4.70
CA PRO D 108 1.16 -18.99 4.28
C PRO D 108 2.43 -18.33 3.77
N GLN D 109 3.56 -18.80 4.30
CA GLN D 109 4.89 -18.31 3.93
C GLN D 109 5.20 -16.84 4.26
N ASP D 110 4.43 -16.24 5.15
CA ASP D 110 4.68 -14.86 5.55
C ASP D 110 6.00 -14.84 6.32
N ASN D 111 6.36 -15.99 6.87
CA ASN D 111 7.59 -16.15 7.65
C ASN D 111 8.72 -16.79 6.88
N TYR D 112 8.61 -16.80 5.55
CA TYR D 112 9.63 -17.44 4.73
C TYR D 112 10.84 -16.57 4.35
N TYR D 113 11.16 -15.62 5.21
CA TYR D 113 12.35 -14.79 5.00
C TYR D 113 13.49 -15.57 5.64
N MET D 114 14.72 -15.08 5.49
CA MET D 114 15.87 -15.76 6.07
C MET D 114 16.12 -15.19 7.47
N ASP D 115 15.44 -15.76 8.45
CA ASP D 115 15.52 -15.32 9.85
C ASP D 115 16.89 -15.45 10.48
N VAL D 116 17.49 -16.63 10.38
CA VAL D 116 18.81 -16.88 10.94
C VAL D 116 19.70 -17.53 9.90
N TRP D 117 20.86 -16.94 9.66
CA TRP D 117 21.78 -17.46 8.67
C TRP D 117 22.98 -18.19 9.25
N GLY D 118 23.48 -19.15 8.50
CA GLY D 118 24.67 -19.87 8.90
C GLY D 118 25.81 -18.97 8.42
N LYS D 119 27.04 -19.30 8.78
CA LYS D 119 28.19 -18.49 8.39
C LYS D 119 28.56 -18.71 6.93
N GLY D 120 28.03 -19.76 6.33
CA GLY D 120 28.33 -20.03 4.94
C GLY D 120 29.50 -20.98 4.75
N THR D 121 29.47 -21.73 3.65
CA THR D 121 30.51 -22.68 3.32
C THR D 121 31.04 -22.30 1.94
N THR D 122 32.34 -22.05 1.85
CA THR D 122 32.94 -21.70 0.58
C THR D 122 33.15 -22.94 -0.27
N VAL D 123 32.77 -22.85 -1.54
CA VAL D 123 32.98 -23.96 -2.46
C VAL D 123 33.67 -23.39 -3.70
N ILE D 124 34.88 -23.88 -3.97
CA ILE D 124 35.66 -23.44 -5.12
C ILE D 124 35.62 -24.51 -6.19
N VAL D 125 35.23 -24.14 -7.41
CA VAL D 125 35.19 -25.11 -8.50
C VAL D 125 36.24 -24.68 -9.52
N SER D 126 37.26 -25.50 -9.70
CA SER D 126 38.33 -25.16 -10.62
C SER D 126 39.11 -26.39 -11.01
N SER D 127 39.75 -26.35 -12.16
CA SER D 127 40.55 -27.48 -12.63
C SER D 127 41.96 -27.36 -12.08
N ALA D 128 42.26 -26.21 -11.47
CA ALA D 128 43.58 -25.96 -10.90
C ALA D 128 43.97 -26.99 -9.85
N SER D 129 45.27 -27.26 -9.74
CA SER D 129 45.76 -28.22 -8.76
C SER D 129 46.43 -27.44 -7.63
N THR D 130 46.44 -28.01 -6.43
CA THR D 130 47.03 -27.35 -5.28
C THR D 130 48.46 -26.94 -5.61
N LYS D 131 48.79 -25.69 -5.30
CA LYS D 131 50.13 -25.18 -5.59
C LYS D 131 50.55 -24.08 -4.63
N GLY D 132 51.75 -24.20 -4.09
CA GLY D 132 52.28 -23.21 -3.18
C GLY D 132 52.71 -21.95 -3.91
N PRO D 133 52.72 -20.80 -3.23
CA PRO D 133 53.10 -19.52 -3.81
C PRO D 133 54.59 -19.25 -3.89
N SER D 134 54.97 -18.42 -4.86
CA SER D 134 56.34 -17.98 -4.99
C SER D 134 56.25 -16.66 -4.25
N VAL D 135 57.26 -16.30 -3.48
CA VAL D 135 57.22 -15.04 -2.75
C VAL D 135 58.32 -14.14 -3.27
N PHE D 136 57.94 -12.98 -3.80
CA PHE D 136 58.91 -12.04 -4.34
C PHE D 136 58.94 -10.76 -3.53
N PRO D 137 60.12 -10.17 -3.36
CA PRO D 137 60.22 -8.93 -2.59
C PRO D 137 59.79 -7.67 -3.36
N LEU D 138 59.22 -6.73 -2.63
CA LEU D 138 58.83 -5.44 -3.18
C LEU D 138 59.74 -4.51 -2.38
N ALA D 139 60.96 -4.35 -2.89
CA ALA D 139 62.01 -3.56 -2.24
C ALA D 139 61.74 -2.07 -2.04
N PRO D 140 62.12 -1.53 -0.87
CA PRO D 140 61.93 -0.12 -0.55
C PRO D 140 62.97 0.72 -1.28
N SER D 141 62.61 1.97 -1.58
CA SER D 141 63.50 2.89 -2.27
C SER D 141 64.61 3.39 -1.36
N GLY D 148 61.68 10.71 5.22
CA GLY D 148 60.25 10.60 4.96
C GLY D 148 59.75 9.19 5.21
N THR D 149 58.77 8.75 4.43
CA THR D 149 58.20 7.42 4.59
C THR D 149 58.43 6.53 3.37
N ALA D 150 58.89 5.30 3.63
CA ALA D 150 59.15 4.32 2.58
C ALA D 150 58.09 3.23 2.59
N ALA D 151 58.05 2.44 1.52
CA ALA D 151 57.10 1.35 1.44
C ALA D 151 57.83 0.13 0.90
N LEU D 152 57.49 -1.03 1.45
CA LEU D 152 58.07 -2.28 0.99
C LEU D 152 57.02 -3.35 1.15
N GLY D 153 57.27 -4.53 0.61
CA GLY D 153 56.29 -5.57 0.73
C GLY D 153 56.70 -6.87 0.09
N CYS D 154 55.73 -7.76 -0.03
CA CYS D 154 55.96 -9.06 -0.63
C CYS D 154 54.85 -9.38 -1.61
N LEU D 155 55.23 -9.84 -2.79
CA LEU D 155 54.27 -10.25 -3.80
C LEU D 155 54.18 -11.76 -3.64
N VAL D 156 52.99 -12.25 -3.28
CA VAL D 156 52.73 -13.66 -3.07
C VAL D 156 51.97 -14.12 -4.32
N LYS D 157 52.69 -14.77 -5.23
CA LYS D 157 52.11 -15.14 -6.51
C LYS D 157 51.96 -16.61 -6.92
N ASP D 158 50.92 -16.85 -7.71
CA ASP D 158 50.64 -18.17 -8.26
C ASP D 158 50.41 -19.31 -7.29
N TYR D 159 49.39 -19.20 -6.47
CA TYR D 159 49.08 -20.26 -5.53
C TYR D 159 47.63 -20.68 -5.72
N PHE D 160 47.30 -21.85 -5.17
CA PHE D 160 45.94 -22.36 -5.25
C PHE D 160 45.76 -23.48 -4.24
N PRO D 161 44.65 -23.47 -3.48
CA PRO D 161 43.57 -22.47 -3.53
C PRO D 161 43.82 -21.42 -2.46
N GLU D 162 42.83 -20.56 -2.24
CA GLU D 162 42.98 -19.57 -1.17
C GLU D 162 42.78 -20.38 0.11
N PRO D 163 43.23 -19.86 1.26
CA PRO D 163 43.90 -18.57 1.39
C PRO D 163 45.36 -18.74 1.78
N VAL D 164 46.06 -17.62 1.81
CA VAL D 164 47.44 -17.60 2.28
C VAL D 164 47.34 -16.59 3.39
N THR D 165 48.19 -16.69 4.41
CA THR D 165 48.17 -15.71 5.47
C THR D 165 49.53 -15.06 5.37
N VAL D 166 49.59 -13.77 5.71
CA VAL D 166 50.84 -13.03 5.66
C VAL D 166 50.96 -12.19 6.94
N SER D 167 52.14 -12.22 7.56
CA SER D 167 52.36 -11.40 8.74
C SER D 167 53.74 -10.79 8.50
N TRP D 168 54.12 -9.83 9.34
CA TRP D 168 55.42 -9.20 9.21
C TRP D 168 56.18 -9.29 10.52
N ASN D 169 57.45 -9.69 10.43
CA ASN D 169 58.27 -9.83 11.63
C ASN D 169 57.56 -10.66 12.69
N SER D 170 57.03 -11.80 12.26
CA SER D 170 56.32 -12.73 13.12
C SER D 170 55.18 -12.10 13.92
N GLY D 171 54.58 -11.05 13.37
CA GLY D 171 53.47 -10.41 14.06
C GLY D 171 53.89 -9.21 14.89
N ALA D 172 55.20 -9.01 15.02
CA ALA D 172 55.72 -7.88 15.79
C ALA D 172 55.44 -6.56 15.08
N LEU D 173 55.28 -6.63 13.76
CA LEU D 173 55.01 -5.44 12.96
C LEU D 173 53.59 -5.51 12.44
N THR D 174 52.72 -4.63 12.91
CA THR D 174 51.33 -4.63 12.47
C THR D 174 50.84 -3.28 11.96
N SER D 175 51.32 -2.19 12.56
CA SER D 175 50.87 -0.87 12.14
C SER D 175 51.42 -0.50 10.77
N GLY D 176 50.55 -0.03 9.90
CA GLY D 176 50.97 0.35 8.56
C GLY D 176 50.97 -0.81 7.59
N VAL D 177 50.59 -2.00 8.06
CA VAL D 177 50.56 -3.16 7.18
C VAL D 177 49.23 -3.24 6.44
N HIS D 178 49.31 -3.55 5.15
CA HIS D 178 48.11 -3.71 4.34
C HIS D 178 48.28 -4.94 3.48
N THR D 179 47.47 -5.96 3.75
CA THR D 179 47.52 -7.20 2.96
C THR D 179 46.25 -7.19 2.12
N PHE D 180 46.45 -7.06 0.82
CA PHE D 180 45.35 -6.97 -0.14
C PHE D 180 44.63 -8.25 -0.47
N PRO D 181 43.35 -8.14 -0.89
CA PRO D 181 42.57 -9.32 -1.26
C PRO D 181 43.27 -9.95 -2.46
N ALA D 182 43.23 -11.27 -2.58
CA ALA D 182 43.87 -11.90 -3.72
C ALA D 182 43.02 -11.71 -4.97
N VAL D 183 43.65 -11.84 -6.12
CA VAL D 183 42.95 -11.76 -7.39
C VAL D 183 43.20 -13.07 -8.12
N LEU D 184 42.18 -13.55 -8.84
CA LEU D 184 42.29 -14.78 -9.59
C LEU D 184 42.80 -14.43 -10.98
N GLN D 185 43.96 -14.98 -11.35
CA GLN D 185 44.58 -14.71 -12.64
C GLN D 185 44.00 -15.62 -13.71
N SER D 186 44.24 -15.26 -14.97
CA SER D 186 43.74 -16.05 -16.10
C SER D 186 44.27 -17.48 -16.04
N SER D 187 45.39 -17.66 -15.33
CA SER D 187 46.02 -18.97 -15.18
C SER D 187 45.22 -19.86 -14.23
N GLY D 188 44.31 -19.26 -13.47
CA GLY D 188 43.53 -20.03 -12.53
C GLY D 188 44.20 -20.06 -11.16
N LEU D 189 45.33 -19.36 -11.05
CA LEU D 189 46.07 -19.27 -9.80
C LEU D 189 45.86 -17.89 -9.20
N TYR D 190 45.99 -17.80 -7.88
CA TYR D 190 45.80 -16.53 -7.20
C TYR D 190 47.10 -15.78 -6.97
N SER D 191 46.97 -14.50 -6.66
CA SER D 191 48.09 -13.63 -6.41
C SER D 191 47.67 -12.47 -5.51
N LEU D 192 48.55 -12.05 -4.61
CA LEU D 192 48.22 -10.92 -3.75
C LEU D 192 49.52 -10.29 -3.29
N SER D 193 49.43 -9.07 -2.79
CA SER D 193 50.61 -8.41 -2.25
C SER D 193 50.30 -7.99 -0.84
N SER D 194 51.35 -7.84 -0.03
CA SER D 194 51.19 -7.39 1.34
C SER D 194 52.27 -6.31 1.43
N VAL D 195 51.90 -5.14 1.93
CA VAL D 195 52.82 -4.05 2.03
C VAL D 195 52.83 -3.43 3.42
N VAL D 196 53.86 -2.63 3.67
CA VAL D 196 53.96 -1.95 4.94
C VAL D 196 54.73 -0.67 4.69
N THR D 197 54.25 0.41 5.28
CA THR D 197 54.94 1.68 5.15
C THR D 197 55.77 1.81 6.42
N VAL D 198 56.99 2.30 6.26
CA VAL D 198 57.90 2.43 7.39
C VAL D 198 58.77 3.67 7.21
N PRO D 199 59.40 4.15 8.30
CA PRO D 199 60.24 5.34 8.17
C PRO D 199 61.49 4.99 7.36
N SER D 200 61.80 5.82 6.36
CA SER D 200 62.96 5.58 5.52
C SER D 200 64.24 5.46 6.34
N SER D 201 64.28 6.15 7.47
CA SER D 201 65.44 6.12 8.34
C SER D 201 65.64 4.78 9.04
N SER D 202 64.66 3.89 8.94
CA SER D 202 64.80 2.59 9.60
C SER D 202 65.38 1.52 8.69
N LEU D 203 65.45 1.81 7.39
CA LEU D 203 65.91 0.84 6.41
C LEU D 203 67.27 0.15 6.59
N GLY D 204 68.16 0.73 7.36
CA GLY D 204 69.45 0.08 7.56
C GLY D 204 69.62 -0.51 8.94
N THR D 205 68.60 -0.37 9.78
CA THR D 205 68.68 -0.88 11.15
C THR D 205 67.51 -1.74 11.59
N GLN D 206 66.44 -1.75 10.81
CA GLN D 206 65.25 -2.53 11.14
C GLN D 206 65.09 -3.61 10.08
N THR D 207 65.03 -4.87 10.51
CA THR D 207 64.86 -5.98 9.58
C THR D 207 63.37 -6.19 9.32
N TYR D 208 63.02 -6.41 8.06
CA TYR D 208 61.63 -6.64 7.66
C TYR D 208 61.53 -7.97 6.95
N ILE D 209 60.74 -8.87 7.52
CA ILE D 209 60.57 -10.20 6.96
C ILE D 209 59.07 -10.48 6.83
N CYS D 210 58.62 -10.92 5.66
CA CYS D 210 57.21 -11.23 5.53
C CYS D 210 57.08 -12.73 5.73
N ASN D 211 56.16 -13.14 6.58
CA ASN D 211 55.95 -14.54 6.86
C ASN D 211 54.72 -14.99 6.09
N VAL D 212 54.90 -15.89 5.15
CA VAL D 212 53.80 -16.40 4.31
C VAL D 212 53.51 -17.86 4.63
N ASN D 213 52.22 -18.19 4.74
CA ASN D 213 51.81 -19.56 5.04
C ASN D 213 50.63 -19.92 4.15
N HIS D 214 50.79 -21.02 3.41
CA HIS D 214 49.74 -21.51 2.52
C HIS D 214 49.51 -22.96 2.96
N LYS D 215 48.65 -23.12 3.96
CA LYS D 215 48.35 -24.43 4.53
C LYS D 215 47.95 -25.53 3.56
N PRO D 216 47.14 -25.21 2.54
CA PRO D 216 46.75 -26.26 1.59
C PRO D 216 47.92 -26.99 0.94
N SER D 217 49.04 -26.31 0.76
CA SER D 217 50.20 -26.95 0.15
C SER D 217 51.31 -27.19 1.17
N ASN D 218 51.07 -26.79 2.42
CA ASN D 218 52.08 -26.95 3.48
C ASN D 218 53.32 -26.18 3.10
N THR D 219 53.11 -25.00 2.52
CA THR D 219 54.21 -24.14 2.09
C THR D 219 54.31 -22.92 3.00
N LYS D 220 55.46 -22.78 3.66
CA LYS D 220 55.68 -21.64 4.55
C LYS D 220 57.00 -21.00 4.12
N VAL D 221 56.99 -19.68 3.99
CA VAL D 221 58.16 -18.92 3.56
C VAL D 221 58.37 -17.65 4.38
N ASP D 222 59.62 -17.41 4.75
CA ASP D 222 60.00 -16.19 5.47
C ASP D 222 60.92 -15.46 4.51
N LYS D 223 60.50 -14.29 4.03
CA LYS D 223 61.32 -13.55 3.10
C LYS D 223 61.78 -12.21 3.63
N LYS D 224 63.09 -12.03 3.73
CA LYS D 224 63.63 -10.77 4.20
C LYS D 224 63.59 -9.80 3.02
N VAL D 225 63.02 -8.63 3.26
CA VAL D 225 62.91 -7.61 2.21
C VAL D 225 63.83 -6.46 2.57
N GLU D 226 64.77 -6.16 1.67
CA GLU D 226 65.73 -5.11 1.93
C GLU D 226 65.94 -4.20 0.72
N PRO D 227 66.51 -3.02 0.93
CA PRO D 227 66.75 -2.10 -0.18
C PRO D 227 67.68 -2.79 -1.18
N LYS D 228 67.38 -2.67 -2.46
CA LYS D 228 68.24 -3.28 -3.46
C LYS D 228 69.51 -2.44 -3.55
N SER D 229 70.66 -3.08 -3.31
CA SER D 229 71.94 -2.38 -3.36
C SER D 229 72.26 -1.96 -4.79
N CYS D 230 71.37 -1.15 -5.35
CA CYS D 230 71.51 -0.65 -6.72
C CYS D 230 72.84 0.06 -6.91
N HIS E 1 -10.38 -30.75 -6.85
CA HIS E 1 -8.90 -30.58 -7.01
C HIS E 1 -8.56 -29.09 -6.97
N GLU E 2 -7.60 -28.66 -7.79
CA GLU E 2 -7.20 -27.26 -7.83
C GLU E 2 -8.45 -26.39 -8.06
N ARG E 3 -8.49 -25.25 -7.39
CA ARG E 3 -9.60 -24.32 -7.52
C ARG E 3 -9.09 -22.88 -7.60
N SER E 4 -9.96 -21.96 -8.01
CA SER E 4 -9.58 -20.55 -8.13
C SER E 4 -9.74 -19.84 -6.79
N TYR E 5 -8.72 -19.07 -6.40
CA TYR E 5 -8.75 -18.35 -5.13
C TYR E 5 -8.72 -16.83 -5.29
N MET E 6 -9.26 -16.12 -4.31
CA MET E 6 -9.27 -14.67 -4.33
C MET E 6 -8.81 -14.17 -2.96
N PHE E 7 -8.25 -12.96 -2.92
CA PHE E 7 -7.77 -12.43 -1.64
C PHE E 7 -8.89 -11.77 -0.87
N SER E 8 -9.03 -12.17 0.39
CA SER E 8 -10.05 -11.60 1.27
C SER E 8 -9.43 -10.50 2.13
N ASP E 9 -9.85 -9.26 1.89
CA ASP E 9 -9.35 -8.12 2.64
C ASP E 9 -9.90 -8.21 4.06
N LEU E 10 -11.05 -8.88 4.19
CA LEU E 10 -11.72 -9.06 5.48
C LEU E 10 -11.00 -10.06 6.38
N GLU E 11 -10.56 -11.16 5.79
CA GLU E 11 -9.86 -12.20 6.55
C GLU E 11 -8.36 -12.15 6.33
N ASN E 12 -7.92 -11.22 5.49
CA ASN E 12 -6.51 -11.03 5.19
C ASN E 12 -5.83 -12.33 4.73
N ARG E 13 -6.52 -13.10 3.91
CA ARG E 13 -5.97 -14.35 3.39
C ARG E 13 -6.70 -14.77 2.12
N CYS E 14 -6.09 -15.69 1.37
CA CYS E 14 -6.67 -16.18 0.13
C CYS E 14 -7.76 -17.22 0.39
N ILE E 15 -8.94 -17.01 -0.20
CA ILE E 15 -10.03 -17.96 -0.03
C ILE E 15 -10.51 -18.44 -1.40
N ALA E 16 -11.06 -19.65 -1.42
CA ALA E 16 -11.53 -20.26 -2.67
C ALA E 16 -12.88 -19.72 -3.14
N ALA E 17 -13.10 -19.79 -4.46
CA ALA E 17 -14.34 -19.33 -5.06
C ALA E 17 -15.00 -20.41 -5.92
N GLU E 18 -16.11 -20.96 -5.44
CA GLU E 18 -16.81 -22.00 -6.20
C GLU E 18 -18.29 -21.67 -6.45
N ORN E 19 -18.55 -20.50 -7.02
CA ORN E 19 -19.90 -20.05 -7.33
CB ORN E 19 -20.48 -20.92 -8.43
C ORN E 19 -20.86 -20.01 -6.15
O ORN E 19 -22.06 -20.23 -6.31
N LYS E 20 -20.34 -19.70 -4.97
CA LYS E 20 -21.17 -19.60 -3.78
C LYS E 20 -20.44 -18.83 -2.70
N LYS E 21 -19.11 -18.92 -2.72
CA LYS E 21 -18.26 -18.24 -1.75
C LYS E 21 -16.81 -18.65 -1.93
N HIS F 1 -8.05 -28.21 -1.91
CA HIS F 1 -8.41 -28.20 -0.46
C HIS F 1 -7.47 -29.09 0.33
N GLU F 2 -6.17 -28.90 0.08
CA GLU F 2 -5.13 -29.65 0.78
C GLU F 2 -3.98 -28.69 1.05
N ARG F 3 -3.39 -28.16 -0.02
CA ARG F 3 -2.28 -27.25 0.12
C ARG F 3 -2.78 -25.83 0.35
N SER F 4 -1.91 -25.01 0.94
CA SER F 4 -2.24 -23.63 1.25
C SER F 4 -2.05 -22.71 0.04
N TYR F 5 -2.83 -21.63 0.00
CA TYR F 5 -2.76 -20.65 -1.06
C TYR F 5 -2.33 -19.30 -0.47
N MET F 6 -1.52 -18.57 -1.22
CA MET F 6 -1.01 -17.30 -0.76
C MET F 6 -0.96 -16.31 -1.91
N PHE F 7 -0.85 -15.03 -1.57
CA PHE F 7 -0.81 -14.00 -2.59
C PHE F 7 0.57 -13.87 -3.21
N SER F 8 0.61 -13.99 -4.53
CA SER F 8 1.85 -13.86 -5.29
C SER F 8 1.93 -12.42 -5.79
N ASP F 9 3.03 -11.75 -5.48
CA ASP F 9 3.21 -10.37 -5.90
C ASP F 9 3.65 -10.33 -7.35
N LEU F 10 4.29 -11.40 -7.80
CA LEU F 10 4.77 -11.50 -9.17
C LEU F 10 3.60 -11.62 -10.13
N GLU F 11 2.63 -12.46 -9.79
CA GLU F 11 1.46 -12.69 -10.64
C GLU F 11 0.26 -11.83 -10.26
N ASN F 12 0.29 -11.21 -9.10
CA ASN F 12 -0.80 -10.37 -8.63
C ASN F 12 -2.07 -11.20 -8.42
N ARG F 13 -1.90 -12.43 -7.94
CA ARG F 13 -3.04 -13.30 -7.68
C ARG F 13 -2.68 -14.37 -6.68
N CYS F 14 -3.69 -15.05 -6.16
CA CYS F 14 -3.50 -16.12 -5.19
C CYS F 14 -3.05 -17.40 -5.88
N ILE F 15 -2.01 -18.03 -5.35
CA ILE F 15 -1.50 -19.27 -5.91
C ILE F 15 -1.25 -20.32 -4.82
N ALA F 16 -1.04 -21.55 -5.26
CA ALA F 16 -0.79 -22.67 -4.34
C ALA F 16 0.66 -22.73 -3.89
N ALA F 17 0.85 -23.26 -2.70
CA ALA F 17 2.18 -23.43 -2.22
C ALA F 17 2.72 -24.63 -2.90
N GLU F 18 3.99 -24.71 -2.81
CA GLU F 18 4.68 -25.86 -3.30
C GLU F 18 4.93 -26.81 -2.08
N ORN F 19 5.67 -27.65 -2.35
CA ORN F 19 6.56 -28.65 -1.73
CB ORN F 19 7.05 -28.13 -0.39
C ORN F 19 6.00 -30.06 -1.56
O ORN F 19 6.71 -31.02 -1.83
N LYS F 20 4.89 -30.30 -1.71
CA LYS F 20 4.31 -31.63 -1.83
C LYS F 20 2.83 -31.62 -1.45
C1 GOL G . -59.15 30.04 9.35
O1 GOL G . -58.81 29.45 10.61
C2 GOL G . -60.03 29.06 8.48
O2 GOL G . -61.29 29.68 8.22
C3 GOL G . -60.28 27.70 9.21
O3 GOL G . -60.41 26.62 8.30
S SO4 H . -40.26 -3.65 14.94
O1 SO4 H . -40.05 -2.21 15.17
O2 SO4 H . -38.94 -4.32 14.83
O3 SO4 H . -41.01 -4.22 16.07
O4 SO4 H . -41.01 -3.84 13.68
S CXS I . -4.31 -18.24 -14.62
O1 CXS I . -4.80 -19.58 -14.44
O2 CXS I . -4.09 -17.88 -16.02
O3 CXS I . -3.08 -18.00 -13.85
C1 CXS I . -5.65 -17.15 -14.03
C2 CXS I . -6.96 -17.33 -14.76
C3 CXS I . -7.95 -16.38 -14.19
N CXS I . -9.27 -16.51 -14.84
C4 CXS I . -10.43 -15.68 -14.47
C5 CXS I . -10.80 -15.84 -12.94
C6 CXS I . -12.02 -14.92 -12.61
C7 CXS I . -13.21 -15.33 -13.46
C8 CXS I . -12.90 -15.14 -14.94
C9 CXS I . -11.68 -16.04 -15.35
C1 GOL J . -11.03 -9.83 -22.22
O1 GOL J . -9.92 -10.61 -21.77
C2 GOL J . -12.10 -10.76 -22.93
O2 GOL J . -13.35 -10.63 -22.21
C3 GOL J . -11.68 -12.26 -22.92
O3 GOL J . -11.90 -12.91 -21.67
C1 GOL K . -32.70 -20.96 -10.16
O1 GOL K . -33.43 -22.13 -9.76
C2 GOL K . -33.43 -19.65 -9.66
O2 GOL K . -32.53 -18.93 -8.80
C3 GOL K . -34.73 -19.95 -8.87
O3 GOL K . -35.91 -19.44 -9.51
C1 GOL L . 24.92 5.79 -7.79
O1 GOL L . 23.91 5.54 -6.81
C2 GOL L . 26.23 6.36 -7.11
O2 GOL L . 27.33 5.47 -7.40
C3 GOL L . 26.08 6.50 -5.56
O3 GOL L . 26.60 5.38 -4.83
C1 GOL M . 13.03 -4.36 21.98
O1 GOL M . 14.42 -4.67 22.13
C2 GOL M . 12.79 -2.78 22.00
O2 GOL M . 12.18 -2.38 20.75
C3 GOL M . 14.13 -1.99 22.16
O3 GOL M . 13.96 -0.73 22.82
S SO4 N . 25.85 -20.60 -15.32
O1 SO4 N . 26.77 -20.43 -16.46
O2 SO4 N . 26.35 -21.67 -14.44
O3 SO4 N . 25.79 -19.33 -14.57
O4 SO4 N . 24.50 -20.95 -15.81
C1 GOL O . 6.11 -22.25 8.67
O1 GOL O . 6.28 -22.45 10.08
C2 GOL O . 7.02 -23.24 7.85
O2 GOL O . 6.18 -24.05 7.01
C3 GOL O . 7.85 -24.17 8.78
O3 GOL O . 8.94 -23.49 9.40
C1 GOL P . 32.89 -31.46 7.27
O1 GOL P . 32.13 -31.80 8.43
C2 GOL P . 33.76 -30.17 7.53
O2 GOL P . 35.16 -30.49 7.34
C3 GOL P . 33.57 -29.60 8.97
O3 GOL P . 34.15 -28.31 9.16
C1 GOL Q . 1.16 -32.11 5.71
O1 GOL Q . 1.72 -31.00 4.99
C2 GOL Q . 1.53 -32.01 7.25
O2 GOL Q . 0.32 -31.93 8.02
C3 GOL Q . 2.39 -30.75 7.58
O3 GOL Q . 3.15 -30.90 8.78
K K R . -9.95 -29.84 -3.70
S SO4 S . -5.21 -28.31 -3.87
O1 SO4 S . -4.80 -27.43 -4.97
O2 SO4 S . -4.08 -29.18 -3.48
O3 SO4 S . -5.61 -27.49 -2.72
O4 SO4 S . -6.34 -29.15 -4.31
S SO4 T . -7.71 -33.63 -2.57
O1 SO4 T . -7.12 -32.80 -3.64
O2 SO4 T . -6.66 -34.08 -1.64
O3 SO4 T . -8.72 -32.85 -1.83
O4 SO4 T . -8.37 -34.82 -3.16
#